data_1IHA
# 
_entry.id   1IHA 
# 
_audit_conform.dict_name       mmcif_pdbx.dic 
_audit_conform.dict_version    5.376 
_audit_conform.dict_location   http://mmcif.pdb.org/dictionaries/ascii/mmcif_pdbx.dic 
# 
loop_
_database_2.database_id 
_database_2.database_code 
_database_2.pdbx_database_accession 
_database_2.pdbx_DOI 
PDB   1IHA         pdb_00001iha 10.2210/pdb1iha/pdb 
NDB   AH0018       ?            ?                   
RCSB  RCSB013266   ?            ?                   
WWPDB D_1000013266 ?            ?                   
# 
loop_
_pdbx_database_related.db_name 
_pdbx_database_related.db_id 
_pdbx_database_related.details 
_pdbx_database_related.content_type 
PDB 165D 
;previous refinement using xplor 
at medium resolution
;
unspecified 
PDB 1IDW 'a chloro-uracil replaces the bromo-uracil'                                                       unspecified 
PDB 1ID9 'a fluoro-uracil replaces the bromo-uracil'                                                       unspecified 
PDB 1ICG 
;a fluoro-uracil replaces the bromo-uracil 
and iridium hexammine replaces the rhodium hexammine
;
unspecified 
# 
_pdbx_database_status.status_code                     REL 
_pdbx_database_status.entry_id                        1IHA 
_pdbx_database_status.recvd_initial_deposition_date   2001-04-19 
_pdbx_database_status.deposit_site                    RCSB 
_pdbx_database_status.process_site                    RCSB 
_pdbx_database_status.status_code_sf                  REL 
_pdbx_database_status.SG_entry                        . 
_pdbx_database_status.pdb_format_compatible           Y 
_pdbx_database_status.status_code_mr                  ? 
_pdbx_database_status.status_code_cs                  ? 
_pdbx_database_status.methods_development_category    ? 
_pdbx_database_status.status_code_nmr_data            ? 
# 
loop_
_audit_author.name 
_audit_author.pdbx_ordinal 
'Cruse, W.B.'   1 
'Saludjian, P.' 2 
'Neuman, A.'    3 
'Prange, T.'    4 
# 
loop_
_citation.id 
_citation.title 
_citation.journal_abbrev 
_citation.journal_volume 
_citation.page_first 
_citation.page_last 
_citation.year 
_citation.journal_id_ASTM 
_citation.country 
_citation.journal_id_ISSN 
_citation.journal_id_CSD 
_citation.book_publisher 
_citation.pdbx_database_id_PubMed 
_citation.pdbx_database_id_DOI 
primary 'Destabilizing effect of a fluorouracil extra base in a hybrid RNA duplex compared with bromo and chloro analogues.' 
'Acta Crystallogr.,Sect.D' 57 1609 1613 2001 ABCRE6 DK 0907-4449 0766 ? 11679725 10.1107/S0907444901012318 
1       
'Structure of a Mispaired RNA Double Helix at 1.6 A Resolution and Implications for the Prediction of RNA Secondary Structure' 
Proc.Natl.Acad.Sci.USA     91 4160 4164 1994 PNASA6 US 0027-8424 0040 ? ?        ?                         
# 
loop_
_citation_author.citation_id 
_citation_author.name 
_citation_author.ordinal 
_citation_author.identifier_ORCID 
primary 'Cruse, W.'      1  ? 
primary 'Saludjian, P.'  2  ? 
primary 'Neuman, A.'     3  ? 
primary 'Prange, T.'     4  ? 
1       'Cruse, W.B.'    5  ? 
1       'Saludjian, P.'  6  ? 
1       'Biala, E.'      7  ? 
1       'Strazewski, P.' 8  ? 
1       'Prange, T.'     9  ? 
1       'Kennard, O.'    10 ? 
# 
_cell.entry_id           1IHA 
_cell.length_a           53.800 
_cell.length_b           19.400 
_cell.length_c           50.310 
_cell.angle_alpha        90.00 
_cell.angle_beta         109.90 
_cell.angle_gamma        90.00 
_cell.Z_PDB              8 
_cell.pdbx_unique_axis   ? 
# 
_symmetry.entry_id                         1IHA 
_symmetry.space_group_name_H-M             'C 1 2 1' 
_symmetry.pdbx_full_space_group_name_H-M   ? 
_symmetry.cell_setting                     ? 
_symmetry.Int_Tables_number                5 
# 
loop_
_entity.id 
_entity.type 
_entity.src_method 
_entity.pdbx_description 
_entity.formula_weight 
_entity.pdbx_number_of_molecules 
_entity.pdbx_ec 
_entity.pdbx_mutation 
_entity.pdbx_fragment 
_entity.details 
1 polymer     syn "5'-R(*GP*CP*UP*UP*CP*GP*GP*C)-D(P*(BRU))-3'" 2887.600 2  ? ? ? ? 
2 non-polymer syn 'RHODIUM HEXAMINE ION'                        205.089  2  ? ? ? ? 
3 non-polymer syn 'CHLORIDE ION'                                35.453   2  ? ? ? ? 
4 water       nat water                                         18.015   61 ? ? ? ? 
# 
_entity_poly.entity_id                      1 
_entity_poly.type                           'polydeoxyribonucleotide/polyribonucleotide hybrid' 
_entity_poly.nstd_linkage                   no 
_entity_poly.nstd_monomer                   yes 
_entity_poly.pdbx_seq_one_letter_code       'GCUUCGGC(BRU)' 
_entity_poly.pdbx_seq_one_letter_code_can   GCUUCGGCU 
_entity_poly.pdbx_strand_id                 A,B 
_entity_poly.pdbx_target_identifier         ? 
# 
loop_
_entity_poly_seq.entity_id 
_entity_poly_seq.num 
_entity_poly_seq.mon_id 
_entity_poly_seq.hetero 
1 1 G   n 
1 2 C   n 
1 3 U   n 
1 4 U   n 
1 5 C   n 
1 6 G   n 
1 7 G   n 
1 8 C   n 
1 9 BRU n 
# 
_pdbx_entity_src_syn.entity_id              1 
_pdbx_entity_src_syn.pdbx_src_id            1 
_pdbx_entity_src_syn.pdbx_alt_source_flag   sample 
_pdbx_entity_src_syn.pdbx_beg_seq_num       ? 
_pdbx_entity_src_syn.pdbx_end_seq_num       ? 
_pdbx_entity_src_syn.organism_scientific    ? 
_pdbx_entity_src_syn.organism_common_name   ? 
_pdbx_entity_src_syn.ncbi_taxonomy_id       ? 
_pdbx_entity_src_syn.details                'phosphoramidite method' 
# 
_struct_ref.id                         1 
_struct_ref.entity_id                  1 
_struct_ref.db_name                    PDB 
_struct_ref.db_code                    1IHA 
_struct_ref.pdbx_db_accession          1IHA 
_struct_ref.pdbx_db_isoform            ? 
_struct_ref.pdbx_seq_one_letter_code   ? 
_struct_ref.pdbx_align_begin           ? 
# 
loop_
_struct_ref_seq.align_id 
_struct_ref_seq.ref_id 
_struct_ref_seq.pdbx_PDB_id_code 
_struct_ref_seq.pdbx_strand_id 
_struct_ref_seq.seq_align_beg 
_struct_ref_seq.pdbx_seq_align_beg_ins_code 
_struct_ref_seq.seq_align_end 
_struct_ref_seq.pdbx_seq_align_end_ins_code 
_struct_ref_seq.pdbx_db_accession 
_struct_ref_seq.db_align_beg 
_struct_ref_seq.pdbx_db_align_beg_ins_code 
_struct_ref_seq.db_align_end 
_struct_ref_seq.pdbx_db_align_end_ins_code 
_struct_ref_seq.pdbx_auth_seq_align_beg 
_struct_ref_seq.pdbx_auth_seq_align_end 
1 1 1IHA A 1 ? 9 ? 1IHA 1 ? 9 ? 1 9 
2 1 1IHA B 1 ? 9 ? 1IHA 1 ? 9 ? 1 9 
# 
loop_
_chem_comp.id 
_chem_comp.type 
_chem_comp.mon_nstd_flag 
_chem_comp.name 
_chem_comp.pdbx_synonyms 
_chem_comp.formula 
_chem_comp.formula_weight 
BRU 'DNA linking' n "5-BROMO-2'-DEOXYURIDINE-5'-MONOPHOSPHATE" ? 'C9 H12 Br N2 O8 P' 387.078 
C   'RNA linking' y "CYTIDINE-5'-MONOPHOSPHATE"                ? 'C9 H14 N3 O8 P'    323.197 
CL  non-polymer   . 'CHLORIDE ION'                             ? 'Cl -1'             35.453  
G   'RNA linking' y "GUANOSINE-5'-MONOPHOSPHATE"               ? 'C10 H14 N5 O8 P'   363.221 
HOH non-polymer   . WATER                                      ? 'H2 O'              18.015  
RHD non-polymer   . 'RHODIUM HEXAMINE ION'                     ? 'H18 N6 Rh 3'       205.089 
U   'RNA linking' y "URIDINE-5'-MONOPHOSPHATE"                 ? 'C9 H13 N2 O9 P'    324.181 
# 
_exptl.entry_id          1IHA 
_exptl.method            'X-RAY DIFFRACTION' 
_exptl.crystals_number   1 
# 
_exptl_crystal.id                    1 
_exptl_crystal.density_meas          ? 
_exptl_crystal.density_Matthews      2.18 
_exptl_crystal.density_percent_sol   43.70 
_exptl_crystal.description           ? 
# 
_exptl_crystal_grow.crystal_id      1 
_exptl_crystal_grow.method          'VAPOR DIFFUSION, SITTING DROP' 
_exptl_crystal_grow.temp            277 
_exptl_crystal_grow.temp_details    ? 
_exptl_crystal_grow.pH              6.5 
_exptl_crystal_grow.pdbx_details    
'MPD, Rhodium hexammine, lithium cacodylate, pH 6.5, VAPOR DIFFUSION, SITTING DROP, temperature 277K' 
_exptl_crystal_grow.pdbx_pH_range   ? 
# 
loop_
_exptl_crystal_grow_comp.crystal_id 
_exptl_crystal_grow_comp.id 
_exptl_crystal_grow_comp.sol_id 
_exptl_crystal_grow_comp.name 
_exptl_crystal_grow_comp.volume 
_exptl_crystal_grow_comp.conc 
_exptl_crystal_grow_comp.details 
1 1 1 MPD                  ? ? ? 
1 2 1 'Rhodium hexammine'  ? ? ? 
1 3 1 'lithium cacodylate' ? ? ? 
1 4 2 MPD                  ? ? ? 
# 
_diffrn.id                     1 
_diffrn.ambient_temp           277 
_diffrn.ambient_temp_details   ? 
_diffrn.crystal_id             1 
# 
_diffrn_detector.diffrn_id              1 
_diffrn_detector.detector               'IMAGE PLATE' 
_diffrn_detector.type                   MARRESEARCH 
_diffrn_detector.pdbx_collection_date   1995-03-05 
_diffrn_detector.details                
;siliciu(111) curvated crystal  
plus multi-layer curvated mirror
;
# 
_diffrn_radiation.diffrn_id                        1 
_diffrn_radiation.wavelength_id                    1 
_diffrn_radiation.pdbx_monochromatic_or_laue_m_l   M 
_diffrn_radiation.monochromator                    'Si(111)' 
_diffrn_radiation.pdbx_diffrn_protocol             'SINGLE WAVELENGTH' 
_diffrn_radiation.pdbx_scattering_type             x-ray 
# 
_diffrn_radiation_wavelength.id           1 
_diffrn_radiation_wavelength.wavelength   . 
_diffrn_radiation_wavelength.wt           1.0 
# 
_diffrn_source.diffrn_id                   1 
_diffrn_source.source                      SYNCHROTRON 
_diffrn_source.type                        'LURE BEAMLINE DW32' 
_diffrn_source.pdbx_synchrotron_site       LURE 
_diffrn_source.pdbx_synchrotron_beamline   DW32 
_diffrn_source.pdbx_wavelength             ? 
_diffrn_source.pdbx_wavelength_list        ? 
# 
_reflns.entry_id                     1IHA 
_reflns.observed_criterion_sigma_I   4 
_reflns.observed_criterion_sigma_F   3 
_reflns.d_resolution_low             9.5 
_reflns.d_resolution_high            1.6 
_reflns.number_obs                   6312 
_reflns.number_all                   6400 
_reflns.percent_possible_obs         98 
_reflns.pdbx_Rmerge_I_obs            0.045 
_reflns.pdbx_Rsym_value              0.043 
_reflns.pdbx_netI_over_sigmaI        21.0 
_reflns.B_iso_Wilson_estimate        17.0 
_reflns.pdbx_redundancy              9.0 
_reflns.R_free_details               ? 
_reflns.pdbx_diffrn_id               1 
_reflns.pdbx_ordinal                 1 
# 
_reflns_shell.d_res_high             1.60 
_reflns_shell.d_res_low              1.70 
_reflns_shell.percent_possible_all   89 
_reflns_shell.Rmerge_I_obs           0.141 
_reflns_shell.pdbx_Rsym_value        0.138 
_reflns_shell.meanI_over_sigI_obs    3.8 
_reflns_shell.pdbx_redundancy        3 
_reflns_shell.percent_possible_obs   ? 
_reflns_shell.number_unique_all      997 
_reflns_shell.pdbx_diffrn_id         ? 
_reflns_shell.pdbx_ordinal           1 
# 
_refine.entry_id                                 1IHA 
_refine.ls_number_reflns_obs                     6312 
_refine.ls_number_reflns_all                     6346 
_refine.pdbx_ls_sigma_I                          4 
_refine.pdbx_ls_sigma_F                          2 
_refine.pdbx_data_cutoff_high_absF               ? 
_refine.pdbx_data_cutoff_low_absF                ? 
_refine.ls_d_res_low                             1.75 
_refine.ls_d_res_high                            1.60 
_refine.ls_percent_reflns_obs                    98 
_refine.ls_R_factor_obs                          0.161 
_refine.ls_R_factor_all                          0.167 
_refine.ls_R_factor_R_work                       0.162 
_refine.ls_R_factor_R_free                       0.196 
_refine.ls_R_factor_R_free_error                 ? 
_refine.ls_R_factor_R_free_error_details         ? 
_refine.ls_percent_reflns_R_free                 ? 
_refine.ls_number_reflns_R_free                  529 
_refine.ls_number_parameters                     ? 
_refine.ls_number_restraints                     ? 
_refine.occupancy_min                            ? 
_refine.occupancy_max                            ? 
_refine.B_iso_mean                               16.3 
_refine.aniso_B[1][1]                            ? 
_refine.aniso_B[2][2]                            ? 
_refine.aniso_B[3][3]                            ? 
_refine.aniso_B[1][2]                            ? 
_refine.aniso_B[1][3]                            ? 
_refine.aniso_B[2][3]                            ? 
_refine.solvent_model_details                    ? 
_refine.solvent_model_param_ksol                 ? 
_refine.solvent_model_param_bsol                 ? 
_refine.pdbx_ls_cross_valid_method               THROUGHOUT 
_refine.details                                  
;chain B (iso <B>=11.8) is more agitated than chain A  
(iso <B>=18.9)
;
_refine.pdbx_starting_model                      '165D from pdb' 
_refine.pdbx_method_to_determine_struct          'MOLECULAR REPLACEMENT' 
_refine.pdbx_isotropic_thermal_model             isotropic 
_refine.pdbx_stereochemistry_target_values       'personal dictionary from small molecules' 
_refine.pdbx_stereochem_target_val_spec_case     ? 
_refine.pdbx_R_Free_selection_details            random 
_refine.pdbx_overall_ESU_R_Free                  ? 
_refine.overall_SU_B                             ? 
_refine.ls_redundancy_reflns_obs                 ? 
_refine.correlation_coeff_Fo_to_Fc               ? 
_refine.correlation_coeff_Fo_to_Fc_free          ? 
_refine.overall_SU_R_Cruickshank_DPI             ? 
_refine.overall_SU_R_free                        ? 
_refine.overall_SU_ML                            ? 
_refine.pdbx_overall_ESU_R                       ? 
_refine.pdbx_data_cutoff_high_rms_absF           ? 
_refine.pdbx_refine_id                           'X-RAY DIFFRACTION' 
_refine.pdbx_diffrn_id                           1 
_refine.pdbx_TLS_residual_ADP_flag               ? 
_refine.pdbx_solvent_vdw_probe_radii             ? 
_refine.pdbx_solvent_ion_probe_radii             ? 
_refine.pdbx_solvent_shrinkage_radii             ? 
_refine.pdbx_overall_phase_error                 ? 
_refine.pdbx_overall_SU_R_free_Cruickshank_DPI   ? 
_refine.pdbx_overall_SU_R_Blow_DPI               ? 
_refine.pdbx_overall_SU_R_free_Blow_DPI          ? 
# 
_refine_hist.pdbx_refine_id                   'X-RAY DIFFRACTION' 
_refine_hist.cycle_id                         LAST 
_refine_hist.pdbx_number_atoms_protein        0 
_refine_hist.pdbx_number_atoms_nucleic_acid   389 
_refine_hist.pdbx_number_atoms_ligand         19 
_refine_hist.number_atoms_solvent             61 
_refine_hist.number_atoms_total               469 
_refine_hist.d_res_high                       1.60 
_refine_hist.d_res_low                        1.75 
# 
loop_
_refine_ls_restr.type 
_refine_ls_restr.dev_ideal 
_refine_ls_restr.dev_ideal_target 
_refine_ls_restr.weight 
_refine_ls_restr.number 
_refine_ls_restr.pdbx_refine_id 
_refine_ls_restr.pdbx_restraint_function 
s_bond_d              0.011 ? ? ? 'X-RAY DIFFRACTION' ? 
s_angle_d             0.035 ? ? ? 'X-RAY DIFFRACTION' ? 
s_non_zero_chiral_vol 0.093 ? ? ? 'X-RAY DIFFRACTION' ? 
s_from_restr_planes   0.05  ? ? ? 'X-RAY DIFFRACTION' ? 
# 
loop_
_refine_ls_shell.pdbx_total_number_of_bins_used 
_refine_ls_shell.d_res_high 
_refine_ls_shell.d_res_low 
_refine_ls_shell.number_reflns_R_work 
_refine_ls_shell.R_factor_R_work 
_refine_ls_shell.percent_reflns_obs 
_refine_ls_shell.R_factor_R_free 
_refine_ls_shell.R_factor_R_free_error 
_refine_ls_shell.percent_reflns_R_free 
_refine_ls_shell.number_reflns_R_free 
_refine_ls_shell.redundancy_reflns_obs 
_refine_ls_shell.pdbx_refine_id 
_refine_ls_shell.number_reflns_all 
_refine_ls_shell.R_factor_all 
. 1.60 1.75 . 0.147 90  0.191 0.02 . 125 . 'X-RAY DIFFRACTION' . . 
. 1.75 1.95 . 0.153 90  0.19  0.02 . 101 . 'X-RAY DIFFRACTION' . . 
. 1.95 2.35 . 0.162 97  0.193 0.02 . 135 . 'X-RAY DIFFRACTION' . . 
. 2.35 3.05 . 0.169 100 0.197 0.02 . 95  . 'X-RAY DIFFRACTION' . . 
. 3.05 9.5  . 0.181 100 0.22  0.02 . 73  . 'X-RAY DIFFRACTION' . . 
# 
_struct.entry_id                  1IHA 
_struct.title                     'Structure of the Hybrid RNA/DNA R-GCUUCGGC-D[BR]U in Presence of RH(NH3)6+++' 
_struct.pdbx_model_details        ? 
_struct.pdbx_CASP_flag            ? 
_struct.pdbx_model_type_details   ? 
# 
_struct_keywords.entry_id        1IHA 
_struct_keywords.pdbx_keywords   DNA/RNA 
_struct_keywords.text            'RNA/DNA HYBRID, BROMO URACIL, RHODIUM(III) HEXAMMINE, C-U G-U MISMATCH, DNA-RNA COMPLEX' 
# 
loop_
_struct_asym.id 
_struct_asym.pdbx_blank_PDB_chainid_flag 
_struct_asym.pdbx_modified 
_struct_asym.entity_id 
_struct_asym.details 
A N N 1 ? 
B N N 1 ? 
C N N 2 ? 
D N N 2 ? 
E N N 3 ? 
F N N 3 ? 
G N N 4 ? 
H N N 4 ? 
# 
loop_
_struct_conn.id 
_struct_conn.conn_type_id 
_struct_conn.pdbx_leaving_atom_flag 
_struct_conn.pdbx_PDB_id 
_struct_conn.ptnr1_label_asym_id 
_struct_conn.ptnr1_label_comp_id 
_struct_conn.ptnr1_label_seq_id 
_struct_conn.ptnr1_label_atom_id 
_struct_conn.pdbx_ptnr1_label_alt_id 
_struct_conn.pdbx_ptnr1_PDB_ins_code 
_struct_conn.pdbx_ptnr1_standard_comp_id 
_struct_conn.ptnr1_symmetry 
_struct_conn.ptnr2_label_asym_id 
_struct_conn.ptnr2_label_comp_id 
_struct_conn.ptnr2_label_seq_id 
_struct_conn.ptnr2_label_atom_id 
_struct_conn.pdbx_ptnr2_label_alt_id 
_struct_conn.pdbx_ptnr2_PDB_ins_code 
_struct_conn.ptnr1_auth_asym_id 
_struct_conn.ptnr1_auth_comp_id 
_struct_conn.ptnr1_auth_seq_id 
_struct_conn.ptnr2_auth_asym_id 
_struct_conn.ptnr2_auth_comp_id 
_struct_conn.ptnr2_auth_seq_id 
_struct_conn.ptnr2_symmetry 
_struct_conn.pdbx_ptnr3_label_atom_id 
_struct_conn.pdbx_ptnr3_label_seq_id 
_struct_conn.pdbx_ptnr3_label_comp_id 
_struct_conn.pdbx_ptnr3_label_asym_id 
_struct_conn.pdbx_ptnr3_label_alt_id 
_struct_conn.pdbx_ptnr3_PDB_ins_code 
_struct_conn.details 
_struct_conn.pdbx_dist_value 
_struct_conn.pdbx_value_order 
_struct_conn.pdbx_role 
covale1  covale both ? A C 8 "O3'" ? ? ? 1_555 A BRU 9 P  ? ? A C 8 A BRU 9 1_555 ? ? ? ? ? ? ?             1.596 ? ? 
covale2  covale both ? B C 8 "O3'" ? ? ? 1_555 B BRU 9 P  B ? B C 8 B BRU 9 1_555 ? ? ? ? ? ? ?             1.559 ? ? 
covale3  covale both ? B C 8 "O3'" ? ? ? 1_555 B BRU 9 P  A ? B C 8 B BRU 9 1_555 ? ? ? ? ? ? ?             1.591 ? ? 
hydrog1  hydrog ?    ? A G 1 N1    ? ? ? 1_555 B C   8 N3 ? ? A G 1 B C   8 1_555 ? ? ? ? ? ? WATSON-CRICK  ?     ? ? 
hydrog2  hydrog ?    ? A G 1 N2    ? ? ? 1_555 B C   8 O2 ? ? A G 1 B C   8 1_555 ? ? ? ? ? ? WATSON-CRICK  ?     ? ? 
hydrog3  hydrog ?    ? A G 1 O6    ? ? ? 1_555 B C   8 N4 ? ? A G 1 B C   8 1_555 ? ? ? ? ? ? WATSON-CRICK  ?     ? ? 
hydrog4  hydrog ?    ? A C 2 N3    ? ? ? 1_555 B G   7 N1 ? ? A C 2 B G   7 1_555 ? ? ? ? ? ? WATSON-CRICK  ?     ? ? 
hydrog5  hydrog ?    ? A C 2 N4    ? ? ? 1_555 B G   7 O6 ? ? A C 2 B G   7 1_555 ? ? ? ? ? ? WATSON-CRICK  ?     ? ? 
hydrog6  hydrog ?    ? A C 2 O2    ? ? ? 1_555 B G   7 N2 ? ? A C 2 B G   7 1_555 ? ? ? ? ? ? WATSON-CRICK  ?     ? ? 
hydrog7  hydrog ?    ? A U 3 N3    ? ? ? 1_555 B G   6 O6 ? ? A U 3 B G   6 1_555 ? ? ? ? ? ? TYPE_28_PAIR  ?     ? ? 
hydrog8  hydrog ?    ? A U 3 O2    ? ? ? 1_555 B G   6 N1 ? ? A U 3 B G   6 1_555 ? ? ? ? ? ? TYPE_28_PAIR  ?     ? ? 
hydrog9  hydrog ?    ? A U 4 O4    ? ? ? 1_555 B C   5 N4 ? ? A U 4 B C   5 1_555 ? ? ? ? ? ? 'U-C MISPAIR' ?     ? ? 
hydrog10 hydrog ?    ? A C 5 N4    ? ? ? 1_555 B U   4 O4 ? ? A C 5 B U   4 1_555 ? ? ? ? ? ? 'C-U MISPAIR' ?     ? ? 
hydrog11 hydrog ?    ? A G 6 N1    ? ? ? 1_555 B U   3 O2 ? ? A G 6 B U   3 1_555 ? ? ? ? ? ? TYPE_28_PAIR  ?     ? ? 
hydrog12 hydrog ?    ? A G 6 O6    ? ? ? 1_555 B U   3 N3 ? ? A G 6 B U   3 1_555 ? ? ? ? ? ? TYPE_28_PAIR  ?     ? ? 
hydrog13 hydrog ?    ? A G 7 N1    ? ? ? 1_555 B C   2 N3 ? ? A G 7 B C   2 1_555 ? ? ? ? ? ? WATSON-CRICK  ?     ? ? 
hydrog14 hydrog ?    ? A G 7 N2    ? ? ? 1_555 B C   2 O2 ? ? A G 7 B C   2 1_555 ? ? ? ? ? ? WATSON-CRICK  ?     ? ? 
hydrog15 hydrog ?    ? A G 7 O6    ? ? ? 1_555 B C   2 N4 ? ? A G 7 B C   2 1_555 ? ? ? ? ? ? WATSON-CRICK  ?     ? ? 
hydrog16 hydrog ?    ? A C 8 N3    ? ? ? 1_555 B G   1 N1 ? ? A C 8 B G   1 1_555 ? ? ? ? ? ? WATSON-CRICK  ?     ? ? 
hydrog17 hydrog ?    ? A C 8 N4    ? ? ? 1_555 B G   1 O6 ? ? A C 8 B G   1 1_555 ? ? ? ? ? ? WATSON-CRICK  ?     ? ? 
hydrog18 hydrog ?    ? A C 8 O2    ? ? ? 1_555 B G   1 N2 ? ? A C 8 B G   1 1_555 ? ? ? ? ? ? WATSON-CRICK  ?     ? ? 
# 
loop_
_struct_conn_type.id 
_struct_conn_type.criteria 
_struct_conn_type.reference 
covale ? ? 
hydrog ? ? 
# 
loop_
_struct_site.id 
_struct_site.pdbx_evidence_code 
_struct_site.pdbx_auth_asym_id 
_struct_site.pdbx_auth_comp_id 
_struct_site.pdbx_auth_seq_id 
_struct_site.pdbx_auth_ins_code 
_struct_site.pdbx_num_residues 
_struct_site.details 
AC1 Software A RHD 11 ? 4 'BINDING SITE FOR RESIDUE RHD A 11' 
AC2 Software A RHD 12 ? 4 'BINDING SITE FOR RESIDUE RHD A 12' 
AC3 Software B CL  31 ? 2 'BINDING SITE FOR RESIDUE CL B 31'  
# 
loop_
_struct_site_gen.id 
_struct_site_gen.site_id 
_struct_site_gen.pdbx_num_res 
_struct_site_gen.label_comp_id 
_struct_site_gen.label_asym_id 
_struct_site_gen.label_seq_id 
_struct_site_gen.pdbx_auth_ins_code 
_struct_site_gen.auth_comp_id 
_struct_site_gen.auth_asym_id 
_struct_site_gen.auth_seq_id 
_struct_site_gen.label_atom_id 
_struct_site_gen.label_alt_id 
_struct_site_gen.symmetry 
_struct_site_gen.details 
1  AC1 4 C   A 5 ? C   A 5   . ? 1_555 ? 
2  AC1 4 G   A 6 ? G   A 6   . ? 1_555 ? 
3  AC1 4 G   A 7 ? G   A 7   . ? 1_555 ? 
4  AC1 4 HOH G . ? HOH A 104 . ? 1_555 ? 
5  AC2 4 C   A 5 ? C   A 5   . ? 1_555 ? 
6  AC2 4 G   A 7 ? G   A 7   . ? 4_546 ? 
7  AC2 4 C   A 8 ? C   A 8   . ? 4_546 ? 
8  AC2 4 C   B 5 ? C   B 5   . ? 1_555 ? 
9  AC3 2 HOH G . ? HOH A 103 . ? 1_555 ? 
10 AC3 2 HOH H . ? HOH B 154 . ? 1_555 ? 
# 
_atom_sites.entry_id                    1IHA 
_atom_sites.fract_transf_matrix[1][1]   0.00030698 
_atom_sites.fract_transf_matrix[1][2]   -0.01952240 
_atom_sites.fract_transf_matrix[1][3]   0.00308831 
_atom_sites.fract_transf_matrix[2][1]   -0.01866113 
_atom_sites.fract_transf_matrix[2][2]   0.00722134 
_atom_sites.fract_transf_matrix[2][3]   0.04750373 
_atom_sites.fract_transf_matrix[3][1]   -0.01841394 
_atom_sites.fract_transf_matrix[3][2]   -0.00851530 
_atom_sites.fract_transf_matrix[3][3]   -0.00593918 
_atom_sites.fract_transf_vector[1]      0.081720 
_atom_sites.fract_transf_vector[2]      0.113219 
_atom_sites.fract_transf_vector[3]      0.301148 
# 
loop_
_atom_type.symbol 
BR 
C  
CL 
N  
O  
P  
RH 
# 
loop_
_atom_site.group_PDB 
_atom_site.id 
_atom_site.type_symbol 
_atom_site.label_atom_id 
_atom_site.label_alt_id 
_atom_site.label_comp_id 
_atom_site.label_asym_id 
_atom_site.label_entity_id 
_atom_site.label_seq_id 
_atom_site.pdbx_PDB_ins_code 
_atom_site.Cartn_x 
_atom_site.Cartn_y 
_atom_site.Cartn_z 
_atom_site.occupancy 
_atom_site.B_iso_or_equiv 
_atom_site.pdbx_formal_charge 
_atom_site.auth_seq_id 
_atom_site.auth_comp_id 
_atom_site.auth_asym_id 
_atom_site.auth_atom_id 
_atom_site.pdbx_PDB_model_num 
ATOM   1   O  "O5'" . G   A 1 1 ? 7.514   10.377  0.917   1.00 38.01 ? 1   G   A "O5'" 1 
ATOM   2   C  "C5'" . G   A 1 1 ? 7.839   11.617  0.229   1.00 27.97 ? 1   G   A "C5'" 1 
ATOM   3   C  "C4'" . G   A 1 1 ? 8.482   11.197  -1.074  1.00 24.71 ? 1   G   A "C4'" 1 
ATOM   4   O  "O4'" . G   A 1 1 ? 9.770   10.684  -0.808  1.00 28.37 ? 1   G   A "O4'" 1 
ATOM   5   C  "C3'" . G   A 1 1 ? 7.729   10.067  -1.787  1.00 20.31 ? 1   G   A "C3'" 1 
ATOM   6   O  "O3'" . G   A 1 1 ? 6.747   10.566  -2.712  1.00 25.69 ? 1   G   A "O3'" 1 
ATOM   7   C  "C2'" . G   A 1 1 ? 8.836   9.243   -2.417  1.00 23.77 ? 1   G   A "C2'" 1 
ATOM   8   O  "O2'" . G   A 1 1 ? 9.249   9.768   -3.661  1.00 28.32 ? 1   G   A "O2'" 1 
ATOM   9   C  "C1'" . G   A 1 1 ? 9.939   9.370   -1.387  1.00 22.87 ? 1   G   A "C1'" 1 
ATOM   10  N  N9    . G   A 1 1 ? 9.829   8.307   -0.383  1.00 24.27 ? 1   G   A N9    1 
ATOM   11  C  C8    . G   A 1 1 ? 9.381   8.351   0.904   1.00 21.34 ? 1   G   A C8    1 
ATOM   12  N  N7    . G   A 1 1 ? 9.401   7.190   1.530   1.00 28.03 ? 1   G   A N7    1 
ATOM   13  C  C5    . G   A 1 1 ? 9.929   6.341   0.570   1.00 22.56 ? 1   G   A C5    1 
ATOM   14  C  C6    . G   A 1 1 ? 10.216  4.933   0.605   1.00 24.56 ? 1   G   A C6    1 
ATOM   15  O  O6    . G   A 1 1 ? 10.060  4.202   1.573   1.00 23.81 ? 1   G   A O6    1 
ATOM   16  N  N1    . G   A 1 1 ? 10.724  4.450   -0.578  1.00 18.76 ? 1   G   A N1    1 
ATOM   17  C  C2    . G   A 1 1 ? 10.916  5.219   -1.693  1.00 13.22 ? 1   G   A C2    1 
ATOM   18  N  N2    . G   A 1 1 ? 11.387  4.588   -2.755  1.00 21.23 ? 1   G   A N2    1 
ATOM   19  N  N3    . G   A 1 1 ? 10.683  6.529   -1.771  1.00 24.67 ? 1   G   A N3    1 
ATOM   20  C  C4    . G   A 1 1 ? 10.183  6.996   -0.609  1.00 26.55 ? 1   G   A C4    1 
ATOM   21  P  P     . C   A 1 2 ? 5.403   9.664   -2.934  1.00 27.47 ? 2   C   A P     1 
ATOM   22  O  OP1   . C   A 1 2 ? 4.519   10.613  -3.658  1.00 33.74 ? 2   C   A OP1   1 
ATOM   23  O  OP2   . C   A 1 2 ? 4.830   9.234   -1.620  1.00 23.05 ? 2   C   A OP2   1 
ATOM   24  O  "O5'" . C   A 1 2 ? 5.910   8.406   -3.774  1.00 20.36 ? 2   C   A "O5'" 1 
ATOM   25  C  "C5'" . C   A 1 2 ? 6.376   8.521   -5.127  1.00 16.53 ? 2   C   A "C5'" 1 
ATOM   26  C  "C4'" . C   A 1 2 ? 6.846   7.169   -5.585  1.00 16.25 ? 2   C   A "C4'" 1 
ATOM   27  O  "O4'" . C   A 1 2 ? 7.862   6.679   -4.724  1.00 16.70 ? 2   C   A "O4'" 1 
ATOM   28  C  "C3'" . C   A 1 2 ? 5.795   6.033   -5.587  1.00 16.08 ? 2   C   A "C3'" 1 
ATOM   29  O  "O3'" . C   A 1 2 ? 4.892   6.063   -6.697  1.00 13.16 ? 2   C   A "O3'" 1 
ATOM   30  C  "C2'" . C   A 1 2 ? 6.689   4.808   -5.546  1.00 13.55 ? 2   C   A "C2'" 1 
ATOM   31  O  "O2'" . C   A 1 2 ? 7.260   4.514   -6.809  1.00 15.07 ? 2   C   A "O2'" 1 
ATOM   32  C  "C1'" . C   A 1 2 ? 7.785   5.246   -4.599  1.00 14.63 ? 2   C   A "C1'" 1 
ATOM   33  N  N1    . C   A 1 2 ? 7.540   4.871   -3.195  1.00 15.78 ? 2   C   A N1    1 
ATOM   34  C  C2    . C   A 1 2 ? 7.771   3.530   -2.866  1.00 17.30 ? 2   C   A C2    1 
ATOM   35  O  O2    . C   A 1 2 ? 8.148   2.784   -3.768  1.00 15.17 ? 2   C   A O2    1 
ATOM   36  N  N3    . C   A 1 2 ? 7.534   3.130   -1.589  1.00 16.51 ? 2   C   A N3    1 
ATOM   37  C  C4    . C   A 1 2 ? 7.154   3.992   -0.606  1.00 15.43 ? 2   C   A C4    1 
ATOM   38  N  N4    . C   A 1 2 ? 6.961   3.568   0.647   1.00 18.72 ? 2   C   A N4    1 
ATOM   39  C  C5    . C   A 1 2 ? 6.891   5.347   -0.958  1.00 16.37 ? 2   C   A C5    1 
ATOM   40  C  C6    . C   A 1 2 ? 7.113   5.724   -2.226  1.00 14.87 ? 2   C   A C6    1 
ATOM   41  P  P     . U   A 1 3 ? 3.357   5.694   -6.528  1.00 11.52 ? 3   U   A P     1 
ATOM   42  O  OP1   . U   A 1 3 ? 2.701   6.143   -7.780  1.00 16.58 ? 3   U   A OP1   1 
ATOM   43  O  OP2   . U   A 1 3 ? 2.781   6.250   -5.282  1.00 11.90 ? 3   U   A OP2   1 
ATOM   44  O  "O5'" . U   A 1 3 ? 3.302   4.087   -6.381  1.00 11.23 ? 3   U   A "O5'" 1 
ATOM   45  C  "C5'" . U   A 1 3 ? 3.715   3.254   -7.478  1.00 11.65 ? 3   U   A "C5'" 1 
ATOM   46  C  "C4'" . U   A 1 3 ? 3.963   1.887   -6.877  1.00 11.26 ? 3   U   A "C4'" 1 
ATOM   47  O  "O4'" . U   A 1 3 ? 4.952   1.918   -5.875  1.00 9.46  ? 3   U   A "O4'" 1 
ATOM   48  C  "C3'" . U   A 1 3 ? 2.744   1.293   -6.143  1.00 8.64  ? 3   U   A "C3'" 1 
ATOM   49  O  "O3'" . U   A 1 3 ? 1.787   0.778   -7.069  1.00 9.11  ? 3   U   A "O3'" 1 
ATOM   50  C  "C2'" . U   A 1 3 ? 3.415   0.254   -5.263  1.00 10.03 ? 3   U   A "C2'" 1 
ATOM   51  O  "O2'" . U   A 1 3 ? 3.773   -0.897  -6.035  1.00 10.07 ? 3   U   A "O2'" 1 
ATOM   52  C  "C1'" . U   A 1 3 ? 4.651   1.000   -4.816  1.00 8.45  ? 3   U   A "C1'" 1 
ATOM   53  N  N1    . U   A 1 3 ? 4.441   1.691   -3.533  1.00 10.72 ? 3   U   A N1    1 
ATOM   54  C  C2    . U   A 1 3 ? 4.609   0.898   -2.420  1.00 9.83  ? 3   U   A C2    1 
ATOM   55  O  O2    . U   A 1 3 ? 4.840   -0.300  -2.482  1.00 10.60 ? 3   U   A O2    1 
ATOM   56  N  N3    . U   A 1 3 ? 4.407   1.461   -1.196  1.00 8.92  ? 3   U   A N3    1 
ATOM   57  C  C4    . U   A 1 3 ? 4.094   2.786   -1.044  1.00 9.33  ? 3   U   A C4    1 
ATOM   58  O  O4    . U   A 1 3 ? 3.947   3.204   0.112   1.00 14.51 ? 3   U   A O4    1 
ATOM   59  C  C5    . U   A 1 3 ? 3.942   3.599   -2.209  1.00 15.40 ? 3   U   A C5    1 
ATOM   60  C  C6    . U   A 1 3 ? 4.129   3.009   -3.405  1.00 11.24 ? 3   U   A C6    1 
ATOM   61  P  P     . U   A 1 4 ? 0.391   0.154   -6.637  1.00 9.56  ? 4   U   A P     1 
ATOM   62  O  OP1   . U   A 1 4 ? -0.585  0.471   -7.721  1.00 8.33  ? 4   U   A OP1   1 
ATOM   63  O  OP2   . U   A 1 4 ? -0.055  0.541   -5.252  1.00 10.48 ? 4   U   A OP2   1 
ATOM   64  O  "O5'" . U   A 1 4 ? 0.675   -1.420  -6.552  1.00 11.24 ? 4   U   A "O5'" 1 
ATOM   65  C  "C5'" . U   A 1 4 ? 0.982   -2.189  -7.729  1.00 8.23  ? 4   U   A "C5'" 1 
ATOM   66  C  "C4'" . U   A 1 4 ? 1.201   -3.642  -7.342  1.00 7.26  ? 4   U   A "C4'" 1 
ATOM   67  O  "O4'" . U   A 1 4 ? 2.260   -3.804  -6.403  1.00 8.36  ? 4   U   A "O4'" 1 
ATOM   68  C  "C3'" . U   A 1 4 ? 0.008   -4.277  -6.655  1.00 8.13  ? 4   U   A "C3'" 1 
ATOM   69  O  "O3'" . U   A 1 4 ? -1.011  -4.689  -7.588  1.00 8.48  ? 4   U   A "O3'" 1 
ATOM   70  C  "C2'" . U   A 1 4 ? 0.639   -5.431  -5.873  1.00 9.41  ? 4   U   A "C2'" 1 
ATOM   71  O  "O2'" . U   A 1 4 ? 0.886   -6.509  -6.764  1.00 10.81 ? 4   U   A "O2'" 1 
ATOM   72  C  "C1'" . U   A 1 4 ? 1.886   -4.769  -5.369  1.00 9.33  ? 4   U   A "C1'" 1 
ATOM   73  N  N1    . U   A 1 4 ? 1.812   -4.106  -4.051  1.00 7.57  ? 4   U   A N1    1 
ATOM   74  C  C2    . U   A 1 4 ? 1.756   -4.884  -2.907  1.00 7.64  ? 4   U   A C2    1 
ATOM   75  O  O2    . U   A 1 4 ? 1.757   -6.106  -3.047  1.00 12.70 ? 4   U   A O2    1 
ATOM   76  N  N3    . U   A 1 4 ? 1.659   -4.291  -1.685  1.00 8.23  ? 4   U   A N3    1 
ATOM   77  C  C4    . U   A 1 4 ? 1.696   -2.932  -1.495  1.00 7.62  ? 4   U   A C4    1 
ATOM   78  O  O4    . U   A 1 4 ? 1.619   -2.393  -0.383  1.00 11.63 ? 4   U   A O4    1 
ATOM   79  C  C5    . U   A 1 4 ? 1.730   -2.137  -2.685  1.00 9.44  ? 4   U   A C5    1 
ATOM   80  C  C6    . U   A 1 4 ? 1.801   -2.748  -3.883  1.00 9.50  ? 4   U   A C6    1 
ATOM   81  P  P     . C   A 1 5 ? -2.538  -4.534  -7.204  1.00 8.37  ? 5   C   A P     1 
ATOM   82  O  OP1   . C   A 1 5 ? -3.300  -5.035  -8.416  1.00 9.62  ? 5   C   A OP1   1 
ATOM   83  O  OP2   . C   A 1 5 ? -2.943  -3.224  -6.638  1.00 7.72  ? 5   C   A OP2   1 
ATOM   84  O  "O5'" . C   A 1 5 ? -2.760  -5.623  -6.033  1.00 7.78  ? 5   C   A "O5'" 1 
ATOM   85  C  "C5'" . C   A 1 5 ? -2.729  -7.038  -6.370  1.00 8.35  ? 5   C   A "C5'" 1 
ATOM   86  C  "C4'" . C   A 1 5 ? -2.823  -7.779  -5.053  1.00 5.74  ? 5   C   A "C4'" 1 
ATOM   87  O  "O4'" . C   A 1 5 ? -1.714  -7.503  -4.220  1.00 7.82  ? 5   C   A "O4'" 1 
ATOM   88  C  "C3'" . C   A 1 5 ? -4.010  -7.403  -4.153  1.00 6.25  ? 5   C   A "C3'" 1 
ATOM   89  O  "O3'" . C   A 1 5 ? -5.254  -7.896  -4.642  1.00 8.50  ? 5   C   A "O3'" 1 
ATOM   90  C  "C2'" . C   A 1 5 ? -3.555  -7.987  -2.820  1.00 7.81  ? 5   C   A "C2'" 1 
ATOM   91  O  "O2'" . C   A 1 5 ? -3.795  -9.385  -2.862  1.00 9.36  ? 5   C   A "O2'" 1 
ATOM   92  C  "C1'" . C   A 1 5 ? -2.100  -7.570  -2.840  1.00 7.96  ? 5   C   A "C1'" 1 
ATOM   93  N  N1    . C   A 1 5 ? -1.977  -6.235  -2.226  1.00 6.09  ? 5   C   A N1    1 
ATOM   94  C  C2    . C   A 1 5 ? -1.967  -6.234  -0.839  1.00 8.50  ? 5   C   A C2    1 
ATOM   95  O  O2    . C   A 1 5 ? -2.087  -7.276  -0.211  1.00 9.92  ? 5   C   A O2    1 
ATOM   96  N  N3    . C   A 1 5 ? -1.834  -5.023  -0.205  1.00 9.90  ? 5   C   A N3    1 
ATOM   97  C  C4    . C   A 1 5 ? -1.771  -3.868  -0.918  1.00 5.54  ? 5   C   A C4    1 
ATOM   98  N  N4    . C   A 1 5 ? -1.679  -2.710  -0.236  1.00 6.38  ? 5   C   A N4    1 
ATOM   99  C  C5    . C   A 1 5 ? -1.766  -3.886  -2.341  1.00 5.81  ? 5   C   A C5    1 
ATOM   100 C  C6    . C   A 1 5 ? -1.868  -5.086  -2.950  1.00 6.87  ? 5   C   A C6    1 
ATOM   101 P  P     . G   A 1 6 ? -6.591  -7.019  -4.492  1.00 9.17  ? 6   G   A P     1 
ATOM   102 O  OP1   . G   A 1 6 ? -7.611  -7.785  -5.272  1.00 12.15 ? 6   G   A OP1   1 
ATOM   103 O  OP2   . G   A 1 6 ? -6.354  -5.588  -4.833  1.00 9.69  ? 6   G   A OP2   1 
ATOM   104 O  "O5'" . G   A 1 6 ? -6.832  -7.044  -2.905  1.00 9.01  ? 6   G   A "O5'" 1 
ATOM   105 C  "C5'" . G   A 1 6 ? -7.081  -8.301  -2.243  1.00 9.34  ? 6   G   A "C5'" 1 
ATOM   106 C  "C4'" . G   A 1 6 ? -7.057  -8.069  -0.762  1.00 7.87  ? 6   G   A "C4'" 1 
ATOM   107 O  "O4'" . G   A 1 6 ? -5.785  -7.602  -0.325  1.00 9.11  ? 6   G   A "O4'" 1 
ATOM   108 C  "C3'" . G   A 1 6 ? -8.040  -6.998  -0.251  1.00 8.09  ? 6   G   A "C3'" 1 
ATOM   109 O  "O3'" . G   A 1 6 ? -9.414  -7.428  -0.204  1.00 7.56  ? 6   G   A "O3'" 1 
ATOM   110 C  "C2'" . G   A 1 6 ? -7.406  -6.666  1.087   1.00 7.83  ? 6   G   A "C2'" 1 
ATOM   111 O  "O2'" . G   A 1 6 ? -7.633  -7.642  2.077   1.00 8.94  ? 6   G   A "O2'" 1 
ATOM   112 C  "C1'" . G   A 1 6 ? -5.924  -6.615  0.702   1.00 8.29  ? 6   G   A "C1'" 1 
ATOM   113 N  N9    . G   A 1 6 ? -5.561  -5.258  0.231   1.00 6.21  ? 6   G   A N9    1 
ATOM   114 C  C8    . G   A 1 6 ? -5.258  -4.826  -1.034  1.00 5.63  ? 6   G   A C8    1 
ATOM   115 N  N7    . G   A 1 6 ? -4.993  -3.541  -1.121  1.00 9.89  ? 6   G   A N7    1 
ATOM   116 C  C5    . G   A 1 6 ? -5.067  -3.096  0.200   1.00 6.92  ? 6   G   A C5    1 
ATOM   117 C  C6    . G   A 1 6 ? -4.878  -1.805  0.796   1.00 4.65  ? 6   G   A C6    1 
ATOM   118 O  O6    . G   A 1 6 ? -4.647  -0.789  0.170   1.00 7.04  ? 6   G   A O6    1 
ATOM   119 N  N1    . G   A 1 6 ? -5.112  -1.731  2.142   1.00 6.68  ? 6   G   A N1    1 
ATOM   120 C  C2    . G   A 1 6 ? -5.464  -2.838  2.880   1.00 6.36  ? 6   G   A C2    1 
ATOM   121 N  N2    . G   A 1 6 ? -5.641  -2.695  4.200   1.00 8.38  ? 6   G   A N2    1 
ATOM   122 N  N3    . G   A 1 6 ? -5.614  -4.062  2.369   1.00 6.93  ? 6   G   A N3    1 
ATOM   123 C  C4    . G   A 1 6 ? -5.445  -4.130  1.036   1.00 4.95  ? 6   G   A C4    1 
ATOM   124 P  P     . G   A 1 7 ? -10.636 -6.405  -0.490  1.00 8.56  ? 7   G   A P     1 
ATOM   125 O  OP1   . G   A 1 7 ? -11.866 -7.208  -0.458  1.00 10.99 ? 7   G   A OP1   1 
ATOM   126 O  OP2   . G   A 1 7 ? -10.376 -5.635  -1.750  1.00 10.03 ? 7   G   A OP2   1 
ATOM   127 O  "O5'" . G   A 1 7 ? -10.630 -5.416  0.766   1.00 9.23  ? 7   G   A "O5'" 1 
ATOM   128 C  "C5'" . G   A 1 7 ? -10.766 -5.954  2.119   1.00 7.47  ? 7   G   A "C5'" 1 
ATOM   129 C  "C4'" . G   A 1 7 ? -10.518 -4.802  3.056   1.00 7.87  ? 7   G   A "C4'" 1 
ATOM   130 O  "O4'" . G   A 1 7 ? -9.207  -4.298  2.866   1.00 9.09  ? 7   G   A "O4'" 1 
ATOM   131 C  "C3'" . G   A 1 7 ? -11.425 -3.565  2.902   1.00 5.30  ? 7   G   A "C3'" 1 
ATOM   132 O  "O3'" . G   A 1 7 ? -12.671 -3.760  3.566   1.00 5.71  ? 7   G   A "O3'" 1 
ATOM   133 C  "C2'" . G   A 1 7 ? -10.573 -2.496  3.577   1.00 6.00  ? 7   G   A "C2'" 1 
ATOM   134 O  "O2'" . G   A 1 7 ? -10.602 -2.694  4.989   1.00 6.98  ? 7   G   A "O2'" 1 
ATOM   135 C  "C1'" . G   A 1 7 ? -9.202  -2.853  3.077   1.00 8.12  ? 7   G   A "C1'" 1 
ATOM   136 N  N9    . G   A 1 7 ? -8.781  -2.250  1.817   1.00 8.64  ? 7   G   A N9    1 
ATOM   137 C  C8    . G   A 1 7 ? -8.603  -2.781  0.573   1.00 6.66  ? 7   G   A C8    1 
ATOM   138 N  N7    . G   A 1 7 ? -8.237  -1.923  -0.377  1.00 6.48  ? 7   G   A N7    1 
ATOM   139 C  C5    . G   A 1 7 ? -8.161  -0.736  0.350   1.00 5.81  ? 7   G   A C5    1 
ATOM   140 C  C6    . G   A 1 7 ? -7.767  0.592   -0.045  1.00 5.39  ? 7   G   A C6    1 
ATOM   141 O  O6    . G   A 1 7 ? -7.405  0.921   -1.152  1.00 7.29  ? 7   G   A O6    1 
ATOM   142 N  N1    . G   A 1 7 ? -7.801  1.503   0.983   1.00 7.02  ? 7   G   A N1    1 
ATOM   143 C  C2    . G   A 1 7 ? -8.198  1.185   2.252   1.00 5.06  ? 7   G   A C2    1 
ATOM   144 N  N2    . G   A 1 7 ? -8.270  2.219   3.103   1.00 7.93  ? 7   G   A N2    1 
ATOM   145 N  N3    . G   A 1 7 ? -8.540  -0.021  2.693   1.00 6.98  ? 7   G   A N3    1 
ATOM   146 C  C4    . G   A 1 7 ? -8.483  -0.911  1.677   1.00 9.33  ? 7   G   A C4    1 
ATOM   147 P  P     . C   A 1 8 ? -14.033 -3.058  3.121   1.00 7.79  ? 8   C   A P     1 
ATOM   148 O  OP1   . C   A 1 8 ? -15.061 -3.556  4.088   1.00 8.76  ? 8   C   A OP1   1 
ATOM   149 O  OP2   . C   A 1 8 ? -14.295 -3.344  1.694   1.00 7.98  ? 8   C   A OP2   1 
ATOM   150 O  "O5'" . C   A 1 8 ? -13.709 -1.487  3.313   1.00 6.39  ? 8   C   A "O5'" 1 
ATOM   151 C  "C5'" . C   A 1 8 ? -13.528 -0.934  4.647   1.00 7.69  ? 8   C   A "C5'" 1 
ATOM   152 C  "C4'" . C   A 1 8 ? -13.223 0.544   4.572   1.00 9.27  ? 8   C   A "C4'" 1 
ATOM   153 O  "O4'" . C   A 1 8 ? -12.037 0.743   3.835   1.00 7.91  ? 8   C   A "O4'" 1 
ATOM   154 C  "C3'" . C   A 1 8 ? -14.278 1.398   3.856   1.00 8.07  ? 8   C   A "C3'" 1 
ATOM   155 O  "O3'" . C   A 1 8 ? -15.331 1.723   4.733   1.00 10.97 ? 8   C   A "O3'" 1 
ATOM   156 C  "C2'" . C   A 1 8 ? -13.472 2.623   3.419   1.00 7.39  ? 8   C   A "C2'" 1 
ATOM   157 O  "O2'" . C   A 1 8 ? -13.382 3.564   4.485   1.00 9.87  ? 8   C   A "O2'" 1 
ATOM   158 C  "C1'" . C   A 1 8 ? -12.107 2.031   3.177   1.00 7.49  ? 8   C   A "C1'" 1 
ATOM   159 N  N1    . C   A 1 8 ? -11.722 1.818   1.772   1.00 7.77  ? 8   C   A N1    1 
ATOM   160 C  C2    . C   A 1 8 ? -11.314 2.970   1.120   1.00 8.88  ? 8   C   A C2    1 
ATOM   161 O  O2    . C   A 1 8 ? -11.250 4.039   1.760   1.00 8.56  ? 8   C   A O2    1 
ATOM   162 N  N3    . C   A 1 8 ? -10.897 2.826   -0.164  1.00 8.60  ? 8   C   A N3    1 
ATOM   163 C  C4    . C   A 1 8 ? -10.916 1.640   -0.838  1.00 6.95  ? 8   C   A C4    1 
ATOM   164 N  N4    . C   A 1 8 ? -10.562 1.594   -2.133  1.00 7.60  ? 8   C   A N4    1 
ATOM   165 C  C5    . C   A 1 8 ? -11.430 0.479   -0.188  1.00 11.02 ? 8   C   A C5    1 
ATOM   166 C  C6    . C   A 1 8 ? -11.781 0.625   1.116   1.00 9.23  ? 8   C   A C6    1 
HETATM 167 N  N1    . BRU A 1 9 ? -21.377 2.609   3.177   1.00 11.04 ? 9   BRU A N1    1 
HETATM 168 C  C2    . BRU A 1 9 ? -22.710 2.458   2.812   1.00 12.07 ? 9   BRU A C2    1 
HETATM 169 N  N3    . BRU A 1 9 ? -23.444 1.486   3.431   1.00 10.74 ? 9   BRU A N3    1 
HETATM 170 C  C4    . BRU A 1 9 ? -22.896 0.625   4.336   1.00 15.37 ? 9   BRU A C4    1 
HETATM 171 C  C5    . BRU A 1 9 ? -21.528 0.814   4.695   1.00 13.58 ? 9   BRU A C5    1 
HETATM 172 C  C6    . BRU A 1 9 ? -20.829 1.775   4.087   1.00 13.73 ? 9   BRU A C6    1 
HETATM 173 O  O2    . BRU A 1 9 ? -23.323 3.143   2.002   1.00 10.59 ? 9   BRU A O2    1 
HETATM 174 O  O4    . BRU A 1 9 ? -23.592 -0.317  4.751   1.00 18.78 ? 9   BRU A O4    1 
HETATM 175 BR BR    . BRU A 1 9 ? -20.682 -0.374  5.929   1.00 21.58 ? 9   BRU A BR    1 
HETATM 176 C  "C1'" . BRU A 1 9 ? -20.609 3.690   2.540   1.00 6.69  ? 9   BRU A "C1'" 1 
HETATM 177 C  "C2'" . BRU A 1 9 ? -19.873 4.635   3.441   1.00 8.66  ? 9   BRU A "C2'" 1 
HETATM 178 C  "C3'" . BRU A 1 9 ? -18.689 5.029   2.554   1.00 9.47  ? 9   BRU A "C3'" 1 
HETATM 179 C  "C4'" . BRU A 1 9 ? -18.374 3.753   1.777   1.00 5.81  ? 9   BRU A "C4'" 1 
HETATM 180 O  "O3'" . BRU A 1 9 ? -19.033 6.111   1.670   1.00 7.06  ? 9   BRU A "O3'" 1 
HETATM 181 O  "O4'" . BRU A 1 9 ? -19.576 2.986   1.780   1.00 8.98  ? 9   BRU A "O4'" 1 
HETATM 182 C  "C5'" . BRU A 1 9 ? -17.201 2.956   2.342   1.00 10.31 ? 9   BRU A "C5'" 1 
HETATM 183 O  "O5'" . BRU A 1 9 ? -17.399 2.818   3.767   1.00 13.26 ? 9   BRU A "O5'" 1 
HETATM 184 P  P     . BRU A 1 9 ? -16.899 1.493   4.547   1.00 11.48 ? 9   BRU A P     1 
HETATM 185 O  OP1   . BRU A 1 9 ? -17.576 1.519   5.885   1.00 11.39 ? 9   BRU A OP1   1 
HETATM 186 O  OP2   . BRU A 1 9 ? -17.025 0.307   3.658   1.00 10.92 ? 9   BRU A OP2   1 
ATOM   187 O  "O5'" . G   B 1 1 ? -5.227  9.525   -5.188  1.00 17.72 ? 1   G   B "O5'" 1 
ATOM   188 C  "C5'" . G   B 1 1 ? -5.346  10.922  -4.810  1.00 12.50 ? 1   G   B "C5'" 1 
ATOM   189 C  "C4'" . G   B 1 1 ? -6.295  11.043  -3.651  1.00 17.56 ? 1   G   B "C4'" 1 
ATOM   190 O  "O4'" . G   B 1 1 ? -7.571  10.511  -3.981  1.00 14.31 ? 1   G   B "O4'" 1 
ATOM   191 C  "C3'" . G   B 1 1 ? -5.878  10.267  -2.384  1.00 18.42 ? 1   G   B "C3'" 1 
ATOM   192 O  "O3'" . G   B 1 1 ? -4.834  10.912  -1.667  1.00 14.65 ? 1   G   B "O3'" 1 
ATOM   193 C  "C2'" . G   B 1 1 ? -7.205  10.125  -1.642  1.00 13.57 ? 1   G   B "C2'" 1 
ATOM   194 O  "O2'" . G   B 1 1 ? -7.556  11.298  -0.921  1.00 13.25 ? 1   G   B "O2'" 1 
ATOM   195 C  "C1'" . G   B 1 1 ? -8.124  9.861   -2.795  1.00 15.97 ? 1   G   B "C1'" 1 
ATOM   196 N  N9    . G   B 1 1 ? -8.291  8.446   -3.149  1.00 14.70 ? 1   G   B N9    1 
ATOM   197 C  C8    . G   B 1 1 ? -7.924  7.838   -4.327  1.00 16.65 ? 1   G   B C8    1 
ATOM   198 N  N7    . G   B 1 1 ? -8.169  6.543   -4.393  1.00 16.51 ? 1   G   B N7    1 
ATOM   199 C  C5    . G   B 1 1 ? -8.773  6.286   -3.165  1.00 10.71 ? 1   G   B C5    1 
ATOM   200 C  C6    . G   B 1 1 ? -9.280  5.063   -2.607  1.00 11.44 ? 1   G   B C6    1 
ATOM   201 O  O6    . G   B 1 1 ? -9.342  3.970   -3.156  1.00 13.23 ? 1   G   B O6    1 
ATOM   202 N  N1    . G   B 1 1 ? -9.810  5.199   -1.345  1.00 8.54  ? 1   G   B N1    1 
ATOM   203 C  C2    . G   B 1 1 ? -9.843  6.416   -0.710  1.00 10.19 ? 1   G   B C2    1 
ATOM   204 N  N2    . G   B 1 1 ? -10.311 6.425   0.538   1.00 7.97  ? 1   G   B N2    1 
ATOM   205 N  N3    . G   B 1 1 ? -9.334  7.567   -1.165  1.00 11.59 ? 1   G   B N3    1 
ATOM   206 C  C4    . G   B 1 1 ? -8.842  7.435   -2.401  1.00 9.57  ? 1   G   B C4    1 
ATOM   207 P  P     . C   B 1 2 ? -3.679  10.149  -0.872  1.00 14.95 ? 2   C   B P     1 
ATOM   208 O  OP1   . C   B 1 2 ? -2.787  11.196  -0.322  1.00 16.32 ? 2   C   B OP1   1 
ATOM   209 O  OP2   . C   B 1 2 ? -3.102  9.031   -1.669  1.00 15.01 ? 2   C   B OP2   1 
ATOM   210 O  "O5'" . C   B 1 2 ? -4.435  9.469   0.398   1.00 13.20 ? 2   C   B "O5'" 1 
ATOM   211 C  "C5'" . C   B 1 2 ? -4.996  10.316  1.423   1.00 10.07 ? 2   C   B "C5'" 1 
ATOM   212 C  "C4'" . C   B 1 2 ? -5.760  9.387   2.341   1.00 10.23 ? 2   C   B "C4'" 1 
ATOM   213 O  "O4'" . C   B 1 2 ? -6.775  8.732   1.607   1.00 9.96  ? 2   C   B "O4'" 1 
ATOM   214 C  "C3'" . C   B 1 2 ? -4.975  8.222   2.951   1.00 11.37 ? 2   C   B "C3'" 1 
ATOM   215 O  "O3'" . C   B 1 2 ? -4.141  8.596   4.037   1.00 10.29 ? 2   C   B "O3'" 1 
ATOM   216 C  "C2'" . C   B 1 2 ? -6.106  7.259   3.344   1.00 7.29  ? 2   C   B "C2'" 1 
ATOM   217 O  "O2'" . C   B 1 2 ? -6.805  7.644   4.509   1.00 8.84  ? 2   C   B "O2'" 1 
ATOM   218 C  "C1'" . C   B 1 2 ? -6.994  7.412   2.161   1.00 7.63  ? 2   C   B "C1'" 1 
ATOM   219 N  N1    . C   B 1 2 ? -6.757  6.424   1.090   1.00 8.68  ? 2   C   B N1    1 
ATOM   220 C  C2    . C   B 1 2 ? -7.267  5.142   1.319   1.00 7.78  ? 2   C   B C2    1 
ATOM   221 O  O2    . C   B 1 2 ? -7.835  4.930   2.382   1.00 6.86  ? 2   C   B O2    1 
ATOM   222 N  N3    . C   B 1 2 ? -7.052  4.187   0.368   1.00 8.32  ? 2   C   B N3    1 
ATOM   223 C  C4    . C   B 1 2 ? -6.377  4.471   -0.792  1.00 6.18  ? 2   C   B C4    1 
ATOM   224 N  N4    . C   B 1 2 ? -6.301  3.505   -1.734  1.00 8.70  ? 2   C   B N4    1 
ATOM   225 C  C5    . C   B 1 2 ? -5.880  5.787   -1.014  1.00 9.11  ? 2   C   B C5    1 
ATOM   226 C  C6    . C   B 1 2 ? -6.086  6.725   -0.058  1.00 11.55 ? 2   C   B C6    1 
ATOM   227 P  P     . U   B 1 3 ? -2.780  7.811   4.326   1.00 10.72 ? 3   U   B P     1 
ATOM   228 O  OP1   . U   B 1 3 ? -2.140  8.574   5.431   1.00 13.59 ? 3   U   B OP1   1 
ATOM   229 O  OP2   . U   B 1 3 ? -1.996  7.692   3.066   1.00 12.86 ? 3   U   B OP2   1 
ATOM   230 O  "O5'" . U   B 1 3 ? -3.159  6.333   4.833   1.00 8.63  ? 3   U   B "O5'" 1 
ATOM   231 C  "C5'" . U   B 1 3 ? -3.891  6.192   6.073   1.00 7.31  ? 3   U   B "C5'" 1 
ATOM   232 C  "C4'" . U   B 1 3 ? -4.359  4.757   6.174   1.00 6.79  ? 3   U   B "C4'" 1 
ATOM   233 O  "O4'" . U   B 1 3 ? -5.221  4.398   5.133   1.00 8.39  ? 3   U   B "O4'" 1 
ATOM   234 C  "C3'" . U   B 1 3 ? -3.220  3.726   6.083   1.00 10.06 ? 3   U   B "C3'" 1 
ATOM   235 O  "O3'" . U   B 1 3 ? -2.500  3.636   7.306   1.00 5.17  ? 3   U   B "O3'" 1 
ATOM   236 C  "C2'" . U   B 1 3 ? -3.969  2.468   5.656   1.00 8.05  ? 3   U   B "C2'" 1 
ATOM   237 O  "O2'" . U   B 1 3 ? -4.558  1.753   6.747   1.00 7.79  ? 3   U   B "O2'" 1 
ATOM   238 C  "C1'" . U   B 1 3 ? -5.014  3.017   4.708   1.00 7.01  ? 3   U   B "C1'" 1 
ATOM   239 N  N1    . U   B 1 3 ? -4.574  2.981   3.313   1.00 6.09  ? 3   U   B N1    1 
ATOM   240 C  C2    . U   B 1 3 ? -4.720  1.786   2.621   1.00 6.13  ? 3   U   B C2    1 
ATOM   241 O  O2    . U   B 1 3 ? -5.160  0.825   3.260   1.00 7.60  ? 3   U   B O2    1 
ATOM   242 N  N3    . U   B 1 3 ? -4.331  1.728   1.333   1.00 7.36  ? 3   U   B N3    1 
ATOM   243 C  C4    . U   B 1 3 ? -3.778  2.766   0.631   1.00 9.15  ? 3   U   B C4    1 
ATOM   244 O  O4    . U   B 1 3 ? -3.409  2.601   -0.549  1.00 9.41  ? 3   U   B O4    1 
ATOM   245 C  C5    . U   B 1 3 ? -3.639  4.002   1.346   1.00 7.29  ? 3   U   B C5    1 
ATOM   246 C  C6    . U   B 1 3 ? -4.040  4.050   2.634   1.00 7.05  ? 3   U   B C6    1 
ATOM   247 P  P     . U   B 1 4 ? -1.127  2.817   7.440   1.00 9.37  ? 4   U   B P     1 
ATOM   248 O  OP1   . U   B 1 4 ? -0.366  3.457   8.557   1.00 11.11 ? 4   U   B OP1   1 
ATOM   249 O  OP2   . U   B 1 4 ? -0.429  2.814   6.122   1.00 10.26 ? 4   U   B OP2   1 
ATOM   250 O  "O5'" . U   B 1 4 ? -1.518  1.311   7.831   1.00 8.44  ? 4   U   B "O5'" 1 
ATOM   251 C  "C5'" . U   B 1 4 ? -2.138  1.004   9.105   1.00 7.43  ? 4   U   B "C5'" 1 
ATOM   252 C  "C4'" . U   B 1 4 ? -2.256  -0.483  9.256   1.00 6.66  ? 4   U   B "C4'" 1 
ATOM   253 O  "O4'" . U   B 1 4 ? -3.264  -0.989  8.397   1.00 7.94  ? 4   U   B "O4'" 1 
ATOM   254 C  "C3'" . U   B 1 4 ? -1.018  -1.294  8.871   1.00 12.48 ? 4   U   B "C3'" 1 
ATOM   255 O  "O3'" . U   B 1 4 ? -0.048  -1.355  9.931   1.00 11.47 ? 4   U   B "O3'" 1 
ATOM   256 C  "C2'" . U   B 1 4 ? -1.619  -2.650  8.535   1.00 11.85 ? 4   U   B "C2'" 1 
ATOM   257 O  "O2'" . U   B 1 4 ? -2.088  -3.321  9.696   1.00 9.96  ? 4   U   B "O2'" 1 
ATOM   258 C  "C1'" . U   B 1 4 ? -2.831  -2.214  7.745   1.00 10.71 ? 4   U   B "C1'" 1 
ATOM   259 N  N1    . U   B 1 4 ? -2.557  -2.040  6.311   1.00 7.32  ? 4   U   B N1    1 
ATOM   260 C  C2    . U   B 1 4 ? -2.511  -3.207  5.552   1.00 8.23  ? 4   U   B C2    1 
ATOM   261 O  O2    . U   B 1 4 ? -2.708  -4.311  6.067   1.00 9.64  ? 4   U   B O2    1 
ATOM   262 N  N3    . U   B 1 4 ? -2.326  -3.073  4.210   1.00 6.58  ? 4   U   B N3    1 
ATOM   263 C  C4    . U   B 1 4 ? -2.074  -1.900  3.563   1.00 5.57  ? 4   U   B C4    1 
ATOM   264 O  O4    . U   B 1 4 ? -1.829  -1.850  2.339   1.00 7.83  ? 4   U   B O4    1 
ATOM   265 C  C5    . U   B 1 4 ? -2.085  -0.711  4.370   1.00 8.45  ? 4   U   B C5    1 
ATOM   266 C  C6    . U   B 1 4 ? -2.325  -0.840  5.690   1.00 7.28  ? 4   U   B C6    1 
ATOM   267 P  P     . C   B 1 5 ? 1.504   -1.499  9.592   1.00 12.52 ? 5   C   B P     1 
ATOM   268 O  OP1   . C   B 1 5 ? 2.173   -1.466  10.919  1.00 13.99 ? 5   C   B OP1   1 
ATOM   269 O  OP2   . C   B 1 5 ? 2.001   -0.502  8.633   1.00 11.59 ? 5   C   B OP2   1 
ATOM   270 O  "O5'" . C   B 1 5 ? 1.623   -2.962  8.918   1.00 12.06 ? 5   C   B "O5'" 1 
ATOM   271 C  "C5'" . C   B 1 5 ? 1.408   -4.139  9.738   1.00 14.33 ? 5   C   B "C5'" 1 
ATOM   272 C  "C4'" . C   B 1 5 ? 1.456   -5.331  8.829   1.00 14.10 ? 5   C   B "C4'" 1 
ATOM   273 O  "O4'" . C   B 1 5 ? 0.518   -5.293  7.768   1.00 12.91 ? 5   C   B "O4'" 1 
ATOM   274 C  "C3'" . C   B 1 5 ? 2.780   -5.459  8.074   1.00 12.08 ? 5   C   B "C3'" 1 
ATOM   275 O  "O3'" . C   B 1 5 ? 3.826   -5.847  8.971   1.00 19.92 ? 5   C   B "O3'" 1 
ATOM   276 C  "C2'" . C   B 1 5 ? 2.435   -6.440  6.976   1.00 13.76 ? 5   C   B "C2'" 1 
ATOM   277 O  "O2'" . C   B 1 5 ? 2.279   -7.778  7.403   1.00 16.08 ? 5   C   B "O2'" 1 
ATOM   278 C  "C1'" . C   B 1 5 ? 1.065   -5.911  6.576   1.00 13.44 ? 5   C   B "C1'" 1 
ATOM   279 N  N1    . C   B 1 5 ? 1.137   -4.911  5.507   1.00 10.39 ? 5   C   B N1    1 
ATOM   280 C  C2    . C   B 1 5 ? 1.283   -5.382  4.208   1.00 11.77 ? 5   C   B C2    1 
ATOM   281 O  O2    . C   B 1 5 ? 1.296   -6.608  4.033   1.00 11.89 ? 5   C   B O2    1 
ATOM   282 N  N3    . C   B 1 5 ? 1.365   -4.481  3.184   1.00 9.93  ? 5   C   B N3    1 
ATOM   283 C  C4    . C   B 1 5 ? 1.252   -3.142  3.369   1.00 10.17 ? 5   C   B C4    1 
ATOM   284 N  N4    . C   B 1 5 ? 1.360   -2.306  2.321   1.00 10.19 ? 5   C   B N4    1 
ATOM   285 C  C5    . C   B 1 5 ? 1.148   -2.666  4.710   1.00 8.72  ? 5   C   B C5    1 
ATOM   286 C  C6    . C   B 1 5 ? 1.082   -3.569  5.731   1.00 8.72  ? 5   C   B C6    1 
ATOM   287 P  P     . G   B 1 6 ? 5.308   -5.399  8.511   1.00 20.15 ? 6   G   B P     1 
ATOM   288 O  OP1   . G   B 1 6 ? 6.184   -5.972  9.580   1.00 32.70 ? 6   G   B OP1   1 
ATOM   289 O  OP2   . G   B 1 6 ? 5.501   -3.951  8.304   1.00 23.77 ? 6   G   B OP2   1 
ATOM   290 O  "O5'" . G   B 1 6 ? 5.422   -6.252  7.158   1.00 15.40 ? 6   G   B "O5'" 1 
ATOM   291 C  "C5'" . G   B 1 6 ? 6.418   -5.830  6.218   1.00 22.40 ? 6   G   B "C5'" 1 
ATOM   292 C  "C4'" . G   B 1 6 ? 6.078   -6.569  4.950   1.00 18.07 ? 6   G   B "C4'" 1 
ATOM   293 O  "O4'" . G   B 1 6 ? 4.811   -6.174  4.458   1.00 18.38 ? 6   G   B "O4'" 1 
ATOM   294 C  "C3'" . G   B 1 6 ? 7.099   -6.256  3.837   1.00 19.37 ? 6   G   B "C3'" 1 
ATOM   295 O  "O3'" . G   B 1 6 ? 8.265   -7.093  3.993   1.00 20.69 ? 6   G   B "O3'" 1 
ATOM   296 C  "C2'" . G   B 1 6 ? 6.253   -6.438  2.603   1.00 17.31 ? 6   G   B "C2'" 1 
ATOM   297 O  "O2'" . G   B 1 6 ? 6.050   -7.814  2.336   1.00 18.86 ? 6   G   B "O2'" 1 
ATOM   298 C  "C1'" . G   B 1 6 ? 4.936   -5.832  3.046   1.00 16.83 ? 6   G   B "C1'" 1 
ATOM   299 N  N9    . G   B 1 6 ? 4.851   -4.383  2.910   1.00 15.38 ? 6   G   B N9    1 
ATOM   300 C  C8    . G   B 1 6 ? 4.752   -3.410  3.857   1.00 10.82 ? 6   G   B C8    1 
ATOM   301 N  N7    . G   B 1 6 ? 4.719   -2.183  3.372   1.00 13.90 ? 6   G   B N7    1 
ATOM   302 C  C5    . G   B 1 6 ? 4.729   -2.375  2.010   1.00 13.08 ? 6   G   B C5    1 
ATOM   303 C  C6    . G   B 1 6 ? 4.758   -1.428  0.925   1.00 13.84 ? 6   G   B C6    1 
ATOM   304 O  O6    . G   B 1 6 ? 4.684   -0.217  1.025   1.00 13.21 ? 6   G   B O6    1 
ATOM   305 N  N1    . G   B 1 6 ? 4.862   -2.048  -0.303  1.00 11.49 ? 6   G   B N1    1 
ATOM   306 C  C2    . G   B 1 6 ? 4.965   -3.398  -0.458  1.00 11.77 ? 6   G   B C2    1 
ATOM   307 N  N2    . G   B 1 6 ? 5.092   -3.865  -1.708  1.00 12.14 ? 6   G   B N2    1 
ATOM   308 N  N3    . G   B 1 6 ? 4.986   -4.307  0.523   1.00 14.66 ? 6   G   B N3    1 
ATOM   309 C  C4    . G   B 1 6 ? 4.871   -3.702  1.710   1.00 14.93 ? 6   G   B C4    1 
ATOM   310 P  P     . G   B 1 7 ? 9.756   -6.452  3.943   1.00 21.81 ? 7   G   B P     1 
ATOM   311 O  OP1   . G   B 1 7 ? 10.555  -7.624  4.392   1.00 28.34 ? 7   G   B OP1   1 
ATOM   312 O  OP2   . G   B 1 7 ? 9.891   -5.227  4.759   1.00 20.19 ? 7   G   B OP2   1 
ATOM   313 O  "O5'" . G   B 1 7 ? 9.975   -6.094  2.406   1.00 18.10 ? 7   G   B "O5'" 1 
ATOM   314 C  "C5'" . G   B 1 7 ? 9.731   -7.177  1.453   1.00 18.54 ? 7   G   B "C5'" 1 
ATOM   315 C  "C4'" . G   B 1 7 ? 9.621   -6.515  0.096   1.00 17.81 ? 7   G   B "C4'" 1 
ATOM   316 O  "O4'" . G   B 1 7 ? 8.426   -5.757  0.063   1.00 19.51 ? 7   G   B "O4'" 1 
ATOM   317 C  "C3'" . G   B 1 7 ? 10.693  -5.497  -0.296  1.00 17.16 ? 7   G   B "C3'" 1 
ATOM   318 O  "O3'" . G   B 1 7 ? 11.885  -6.121  -0.796  1.00 22.00 ? 7   G   B "O3'" 1 
ATOM   319 C  "C2'" . G   B 1 7 ? 9.966   -4.649  -1.338  1.00 13.09 ? 7   G   B "C2'" 1 
ATOM   320 O  "O2'" . G   B 1 7 ? 9.968   -5.299  -2.592  1.00 17.90 ? 7   G   B "O2'" 1 
ATOM   321 C  "C1'" . G   B 1 7 ? 8.580   -4.594  -0.764  1.00 17.67 ? 7   G   B "C1'" 1 
ATOM   322 N  N9    . G   B 1 7 ? 8.383   -3.392  0.052   1.00 17.03 ? 7   G   B N9    1 
ATOM   323 C  C8    . G   B 1 7 ? 8.307   -3.311  1.423   1.00 14.86 ? 7   G   B C8    1 
ATOM   324 N  N7    . G   B 1 7 ? 8.108   -2.079  1.840   1.00 17.06 ? 7   G   B N7    1 
ATOM   325 C  C5    . G   B 1 7 ? 8.084   -1.328  0.673   1.00 15.71 ? 7   G   B C5    1 
ATOM   326 C  C6    . G   B 1 7 ? 7.925   0.078   0.446   1.00 14.50 ? 7   G   B C6    1 
ATOM   327 O  O6    . G   B 1 7 ? 7.762   0.918   1.313   1.00 16.92 ? 7   G   B O6    1 
ATOM   328 N  N1    . G   B 1 7 ? 7.972   0.410   -0.882  1.00 14.80 ? 7   G   B N1    1 
ATOM   329 C  C2    . G   B 1 7 ? 8.120   -0.482  -1.912  1.00 12.47 ? 7   G   B C2    1 
ATOM   330 N  N2    . G   B 1 7 ? 8.148   0.012   -3.146  1.00 15.29 ? 7   G   B N2    1 
ATOM   331 N  N3    . G   B 1 7 ? 8.281   -1.779  -1.737  1.00 15.26 ? 7   G   B N3    1 
ATOM   332 C  C4    . G   B 1 7 ? 8.251   -2.117  -0.438  1.00 12.76 ? 7   G   B C4    1 
ATOM   333 P  P     . C   B 1 8 ? 13.266  -5.475  -0.556  1.00 38.19 ? 8   C   B P     1 
ATOM   334 O  OP1   . C   B 1 8 ? 14.245  -6.579  -0.777  1.00 35.50 ? 8   C   B OP1   1 
ATOM   335 O  OP2   . C   B 1 8 ? 13.458  -4.813  0.768   1.00 22.72 ? 8   C   B OP2   1 
ATOM   336 O  "O5'" . C   B 1 8 ? 13.208  -4.421  -1.745  1.00 35.22 ? 8   C   B "O5'" 1 
ATOM   337 C  "C5'" . C   B 1 8 ? 14.090  -3.270  -1.742  1.00 44.09 ? 8   C   B "C5'" 1 
ATOM   338 C  "C4'" . C   B 1 8 ? 13.719  -2.458  -2.929  1.00 49.72 ? 8   C   B "C4'" 1 
ATOM   339 O  "O4'" . C   B 1 8 ? 12.333  -2.224  -2.778  1.00 45.31 ? 8   C   B "O4'" 1 
ATOM   340 C  "C3'" . C   B 1 8 ? 14.380  -1.199  -3.194  1.00 59.48 ? 8   C   B "C3'" 1 
ATOM   341 O  "O3'" . C   B 1 8 ? 15.098  -1.444  -4.427  1.00 44.51 ? 8   C   B "O3'" 1 
ATOM   342 C  "C2'" . C   B 1 8 ? 13.373  -0.206  -3.557  1.00 43.04 ? 8   C   B "C2'" 1 
ATOM   343 O  "O2'" . C   B 1 8 ? 13.356  0.348   -4.764  1.00 36.69 ? 8   C   B "O2'" 1 
ATOM   344 C  "C1'" . C   B 1 8 ? 12.047  -0.844  -3.113  1.00 33.56 ? 8   C   B "C1'" 1 
ATOM   345 N  N1    . C   B 1 8 ? 11.815  -0.254  -1.784  1.00 36.88 ? 8   C   B N1    1 
ATOM   346 C  C2    . C   B 1 8 ? 11.542  1.101   -1.705  1.00 36.56 ? 8   C   B C2    1 
ATOM   347 O  O2    . C   B 1 8 ? 11.476  1.798   -2.718  1.00 40.82 ? 8   C   B O2    1 
ATOM   348 N  N3    . C   B 1 8 ? 11.314  1.635   -0.467  1.00 40.40 ? 8   C   B N3    1 
ATOM   349 C  C4    . C   B 1 8 ? 11.375  0.877   0.660   1.00 24.81 ? 8   C   B C4    1 
ATOM   350 N  N4    . C   B 1 8 ? 11.161  1.434   1.852   1.00 31.79 ? 8   C   B N4    1 
ATOM   351 C  C5    . C   B 1 8 ? 11.670  -0.510  0.566   1.00 28.36 ? 8   C   B C5    1 
ATOM   352 C  C6    . C   B 1 8 ? 11.875  -1.017  -0.654  1.00 31.20 ? 8   C   B C6    1 
HETATM 353 N  N1    A BRU B 1 9 ? 17.354  0.347   -5.840  0.50 39.88 ? 9   BRU B N1    1 
HETATM 354 N  N1    B BRU B 1 9 ? 17.230  -0.157  -4.138  0.50 32.23 ? 9   BRU B N1    1 
HETATM 355 C  C2    A BRU B 1 9 ? 17.279  1.586   -6.492  0.50 37.10 ? 9   BRU B C2    1 
HETATM 356 C  C2    B BRU B 1 9 ? 16.760  1.172   -4.148  0.50 35.44 ? 9   BRU B C2    1 
HETATM 357 N  N3    A BRU B 1 9 ? 17.024  2.678   -5.738  0.50 38.26 ? 9   BRU B N3    1 
HETATM 358 N  N3    B BRU B 1 9 ? 16.338  1.694   -2.983  0.50 37.75 ? 9   BRU B N3    1 
HETATM 359 C  C4    A BRU B 1 9 ? 16.786  2.617   -4.379  0.50 31.81 ? 9   BRU B C4    1 
HETATM 360 C  C4    B BRU B 1 9 ? 16.347  0.998   -1.799  0.50 33.91 ? 9   BRU B C4    1 
HETATM 361 C  C5    A BRU B 1 9 ? 16.863  1.324   -3.762  0.50 34.55 ? 9   BRU B C5    1 
HETATM 362 C  C5    B BRU B 1 9 ? 16.812  -0.357  -1.834  0.50 34.45 ? 9   BRU B C5    1 
HETATM 363 C  C6    A BRU B 1 9 ? 17.125  0.268   -4.518  0.50 38.69 ? 9   BRU B C6    1 
HETATM 364 C  C6    B BRU B 1 9 ? 17.216  -0.862  -2.991  0.50 38.23 ? 9   BRU B C6    1 
HETATM 365 O  O2    A BRU B 1 9 ? 17.492  1.671   -7.702  0.50 33.08 ? 9   BRU B O2    1 
HETATM 366 O  O2    B BRU B 1 9 ? 16.770  1.806   -5.195  0.50 33.08 ? 9   BRU B O2    1 
HETATM 367 O  O4    A BRU B 1 9 ? 16.553  3.632   -3.725  0.50 33.45 ? 9   BRU B O4    1 
HETATM 368 O  O4    B BRU B 1 9 ? 15.949  1.518   -0.743  0.50 35.68 ? 9   BRU B O4    1 
HETATM 369 BR BR    A BRU B 1 9 ? 16.466  1.133   -1.936  0.50 32.52 ? 9   BRU B BR    1 
HETATM 370 BR BR    B BRU B 1 9 ? 16.818  -1.377  -0.211  0.50 34.63 ? 9   BRU B BR    1 
HETATM 371 C  "C1'" A BRU B 1 9 ? 17.525  -0.816  -6.768  0.50 31.56 ? 9   BRU B "C1'" 1 
HETATM 372 C  "C1'" B BRU B 1 9 ? 17.562  -0.720  -5.487  0.50 46.77 ? 9   BRU B "C1'" 1 
HETATM 373 C  "C2'" A BRU B 1 9 ? 17.594  -2.151  -6.061  0.50 37.21 ? 9   BRU B "C2'" 1 
HETATM 374 C  "C2'" B BRU B 1 9 ? 17.587  -2.207  -5.534  0.50 41.62 ? 9   BRU B "C2'" 1 
HETATM 375 C  "C3'" A BRU B 1 9 ? 16.760  -2.868  -7.039  0.50 44.67 ? 9   BRU B "C3'" 1 
HETATM 376 C  "C3'" B BRU B 1 9 ? 16.853  -2.814  -6.453  0.50 48.77 ? 9   BRU B "C3'" 1 
HETATM 377 C  "C4'" A BRU B 1 9 ? 15.782  -2.206  -7.698  0.50 48.41 ? 9   BRU B "C4'" 1 
HETATM 378 C  "C4'" B BRU B 1 9 ? 16.095  -1.367  -7.344  0.50 42.90 ? 9   BRU B "C4'" 1 
HETATM 379 O  "O3'" A BRU B 1 9 ? 17.170  -3.409  -8.141  0.50 33.89 ? 9   BRU B "O3'" 1 
HETATM 380 O  "O3'" B BRU B 1 9 ? 17.661  -3.522  -7.366  0.50 43.51 ? 9   BRU B "O3'" 1 
HETATM 381 O  "O4'" A BRU B 1 9 ? 16.205  -0.832  -7.241  0.50 42.14 ? 9   BRU B "O4'" 1 
HETATM 382 O  "O4'" B BRU B 1 9 ? 16.516  -0.287  -6.389  0.50 45.36 ? 9   BRU B "O4'" 1 
HETATM 383 C  "C5'" A BRU B 1 9 ? 14.306  -1.837  -7.531  0.50 55.26 ? 9   BRU B "C5'" 1 
HETATM 384 C  "C5'" B BRU B 1 9 ? 14.757  -1.425  -7.525  0.50 46.23 ? 9   BRU B "C5'" 1 
HETATM 385 O  "O5'" A BRU B 1 9 ? 13.639  -1.177  -6.417  0.50 40.35 ? 9   BRU B "O5'" 1 
HETATM 386 O  "O5'" B BRU B 1 9 ? 13.785  -1.160  -6.425  0.50 44.33 ? 9   BRU B "O5'" 1 
HETATM 387 P  P     A BRU B 1 9 ? 14.051  -2.019  -5.478  1.00 35.97 ? 9   BRU B P     1 
HETATM 388 P  P     B BRU B 1 9 ? 14.139  -1.965  -5.541  0.50 35.40 ? 9   BRU B P     1 
HETATM 389 O  OP1   A BRU B 1 9 ? 12.851  -2.264  -5.046  0.50 33.87 ? 9   BRU B OP1   1 
HETATM 390 O  OP1   B BRU B 1 9 ? 13.059  -2.260  -5.026  0.50 35.39 ? 9   BRU B OP1   1 
HETATM 391 O  OP2   A BRU B 1 9 ? 14.441  -3.095  -6.106  0.50 36.92 ? 9   BRU B OP2   1 
HETATM 392 O  OP2   B BRU B 1 9 ? 14.558  -2.993  -6.109  0.50 35.75 ? 9   BRU B OP2   1 
HETATM 393 RH RH    . RHD C 2 . ? -6.190  -1.663  -4.372  1.00 13.82 ? 11  RHD A RH    1 
HETATM 394 N  N1    . RHD C 2 . ? -4.767  -3.095  -4.366  1.00 17.47 ? 11  RHD A N1    1 
HETATM 395 N  N2    . RHD C 2 . ? -4.976  -0.474  -5.440  1.00 17.44 ? 11  RHD A N2    1 
HETATM 396 N  N3    . RHD C 2 . ? -7.640  -0.255  -4.332  1.00 19.45 ? 11  RHD A N3    1 
HETATM 397 N  N4    . RHD C 2 . ? -7.390  -2.907  -3.306  1.00 16.57 ? 11  RHD A N4    1 
HETATM 398 N  N5    . RHD C 2 . ? -6.945  -2.436  -6.073  1.00 22.72 ? 11  RHD A N5    1 
HETATM 399 N  N6    . RHD C 2 . ? -5.478  -0.920  -2.638  1.00 12.99 ? 11  RHD A N6    1 
HETATM 400 RH RH    . RHD D 2 . ? -0.890  -9.724  2.366   1.00 17.50 ? 12  RHD A RH    1 
HETATM 401 N  N1    . RHD D 2 . ? -0.015  -7.976  1.817   1.00 17.94 ? 12  RHD A N1    1 
HETATM 402 N  N2    . RHD D 2 . ? -1.311  -10.133 0.435   1.00 15.40 ? 12  RHD A N2    1 
HETATM 403 N  N3    . RHD D 2 . ? -1.785  -11.428 2.928   1.00 22.69 ? 12  RHD A N3    1 
HETATM 404 N  N4    . RHD D 2 . ? -0.440  -9.280  4.283   1.00 19.46 ? 12  RHD A N4    1 
HETATM 405 N  N5    . RHD D 2 . ? 0.894   -10.613 2.149   1.00 24.47 ? 12  RHD A N5    1 
HETATM 406 N  N6    . RHD D 2 . ? -2.646  -8.719  2.519   1.00 25.02 ? 12  RHD A N6    1 
HETATM 407 CL CL    . CL  E 3 . ? -25.442 -2.380  0.991   1.00 19.15 ? 32  CL  A CL    1 
HETATM 408 CL CL    . CL  F 3 . ? 5.438   1.598   5.013   1.00 19.30 ? 31  CL  B CL    1 
HETATM 409 O  O     . HOH G 4 . ? -16.676 -2.884  0.410   1.00 21.02 ? 101 HOH A O     1 
HETATM 410 O  O     . HOH G 4 . ? -17.606 -2.133  4.860   1.00 23.64 ? 102 HOH A O     1 
HETATM 411 O  O     . HOH G 4 . ? 4.668   2.805   3.204   1.00 29.16 ? 103 HOH A O     1 
HETATM 412 O  O     . HOH G 4 . ? -10.274 -0.994  -3.191  1.00 16.80 ? 104 HOH A O     1 
HETATM 413 O  O     . HOH G 4 . ? -1.751  -0.092  -1.397  1.00 16.61 ? 105 HOH A O     1 
HETATM 414 O  O     . HOH G 4 . ? -9.917  1.727   9.853   1.00 11.15 ? 106 HOH A O     1 
HETATM 415 O  O     . HOH G 4 . ? -4.452  -10.323 -0.410  1.00 20.21 ? 107 HOH A O     1 
HETATM 416 O  O     . HOH G 4 . ? -21.831 6.465   1.052   1.00 10.29 ? 108 HOH A O     1 
HETATM 417 O  O     . HOH G 4 . ? -16.325 -0.433  1.190   1.00 13.89 ? 111 HOH A O     1 
HETATM 418 O  O     . HOH G 4 . ? 5.145   -2.841  -4.617  1.00 13.83 ? 113 HOH A O     1 
HETATM 419 O  O     . HOH G 4 . ? 1.204   1.707   -2.977  1.00 17.44 ? 114 HOH A O     1 
HETATM 420 O  O     . HOH G 4 . ? -13.311 -2.041  -0.607  1.00 23.45 ? 115 HOH A O     1 
HETATM 421 O  O     . HOH G 4 . ? -10.967 1.303   7.415   1.00 15.21 ? 116 HOH A O     1 
HETATM 422 O  O     . HOH G 4 . ? -13.996 -6.210  -2.176  1.00 26.54 ? 117 HOH A O     1 
HETATM 423 O  O     . HOH G 4 . ? -2.325  -7.200  -10.154 1.00 30.98 ? 118 HOH A O     1 
HETATM 424 O  O     . HOH G 4 . ? -13.531 3.334   7.201   1.00 19.35 ? 119 HOH A O     1 
HETATM 425 O  O     . HOH G 4 . ? 3.866   -8.195  -4.394  1.00 31.99 ? 122 HOH A O     1 
HETATM 426 O  O     . HOH G 4 . ? 5.472   -5.591  -5.554  1.00 15.42 ? 125 HOH A O     1 
HETATM 427 O  O     . HOH G 4 . ? -6.507  -3.177  7.819   1.00 22.93 ? 128 HOH A O     1 
HETATM 428 O  O     . HOH G 4 . ? 0.396   8.524   -2.578  1.00 15.61 ? 129 HOH A O     1 
HETATM 429 O  O     . HOH G 4 . ? 1.489   0.365   -0.206  1.00 20.18 ? 131 HOH A O     1 
HETATM 430 O  O     . HOH G 4 . ? -1.710  3.100   -7.096  1.00 31.06 ? 132 HOH A O     1 
HETATM 431 O  O     . HOH G 4 . ? -11.316 -3.112  -1.801  1.00 18.93 ? 134 HOH A O     1 
HETATM 432 O  O     . HOH G 4 . ? -7.645  -6.640  4.346   1.00 21.72 ? 135 HOH A O     1 
HETATM 433 O  O     . HOH G 4 . ? -2.161  -1.234  -4.144  1.00 26.72 ? 137 HOH A O     1 
HETATM 434 O  O     . HOH G 4 . ? 2.221   6.500   -2.454  1.00 33.66 ? 138 HOH A O     1 
HETATM 435 O  O     . HOH G 4 . ? 0.342   10.070  -4.833  1.00 26.53 ? 139 HOH A O     1 
HETATM 436 O  O     . HOH G 4 . ? -15.931 1.719   7.876   1.00 48.68 ? 142 HOH A O     1 
HETATM 437 O  O     . HOH G 4 . ? 0.780   -8.503  -1.306  1.00 33.77 ? 143 HOH A O     1 
HETATM 438 O  O     . HOH G 4 . ? 0.812   -8.689  -4.807  1.00 24.60 ? 144 HOH A O     1 
HETATM 439 O  O     . HOH G 4 . ? -8.409  -0.187  5.627   1.00 19.60 ? 145 HOH A O     1 
HETATM 440 O  O     . HOH G 4 . ? -5.758  -0.840  6.361   1.00 11.82 ? 146 HOH A O     1 
HETATM 441 O  O     . HOH G 4 . ? 9.542   1.704   -5.964  1.00 41.40 ? 151 HOH A O     1 
HETATM 442 O  O     . HOH G 4 . ? 11.296  5.893   -5.410  1.00 49.78 ? 152 HOH A O     1 
HETATM 443 O  O     . HOH G 4 . ? -14.992 -5.943  1.141   1.00 49.73 ? 155 HOH A O     1 
HETATM 444 O  O     . HOH G 4 . ? -5.982  -5.862  -7.939  1.00 33.49 ? 158 HOH A O     1 
HETATM 445 O  O     . HOH H 4 . ? -2.067  -5.254  2.557   1.00 14.32 ? 109 HOH B O     1 
HETATM 446 O  O     . HOH H 4 . ? -6.346  9.953   6.112   1.00 18.74 ? 110 HOH B O     1 
HETATM 447 O  O     . HOH H 4 . ? 1.393   0.535   6.069   1.00 17.19 ? 112 HOH B O     1 
HETATM 448 O  O     . HOH H 4 . ? -1.008  2.477   3.340   1.00 15.16 ? 120 HOH B O     1 
HETATM 449 O  O     . HOH H 4 . ? -1.824  4.647   -2.478  1.00 25.57 ? 121 HOH B O     1 
HETATM 450 O  O     . HOH H 4 . ? -2.282  -7.078  5.892   1.00 44.22 ? 123 HOH B O     1 
HETATM 451 O  O     . HOH H 4 . ? 1.698   0.961   2.690   1.00 32.55 ? 124 HOH B O     1 
HETATM 452 O  O     . HOH H 4 . ? 1.718   -5.616  0.790   1.00 17.20 ? 126 HOH B O     1 
HETATM 453 O  O     . HOH H 4 . ? -4.897  4.781   -4.490  1.00 38.68 ? 127 HOH B O     1 
HETATM 454 O  O     . HOH H 4 . ? 5.566   -6.737  -2.241  1.00 36.53 ? 130 HOH B O     1 
HETATM 455 O  O     . HOH H 4 . ? -0.410  5.519   2.970   1.00 21.15 ? 133 HOH B O     1 
HETATM 456 O  O     . HOH H 4 . ? -2.228  7.143   0.459   1.00 31.52 ? 136 HOH B O     1 
HETATM 457 O  O     . HOH H 4 . ? -0.579  9.957   1.411   1.00 36.99 ? 140 HOH B O     1 
HETATM 458 O  O     . HOH H 4 . ? 7.812   -1.771  -5.533  1.00 31.40 ? 141 HOH B O     1 
HETATM 459 O  O     . HOH H 4 . ? -5.746  14.127  -0.706  1.00 41.81 ? 147 HOH B O     1 
HETATM 460 O  O     . HOH H 4 . ? -0.453  6.137   8.696   1.00 30.29 ? 148 HOH B O     1 
HETATM 461 O  O     . HOH H 4 . ? -2.966  7.122   -3.071  1.00 49.25 ? 149 HOH B O     1 
HETATM 462 O  O     . HOH H 4 . ? -4.132  1.877   -3.272  1.00 37.22 ? 150 HOH B O     1 
HETATM 463 O  O     . HOH H 4 . ? 11.052  -1.192  4.093   1.00 45.37 ? 153 HOH B O     1 
HETATM 464 O  O     . HOH H 4 . ? 5.744   -0.153  6.343   1.00 22.08 ? 154 HOH B O     1 
HETATM 465 O  O     . HOH H 4 . ? 18.906  0.333   -0.032  1.00 29.64 ? 156 HOH B O     1 
HETATM 466 O  O     . HOH H 4 . ? 1.593   -8.393  10.750  1.00 58.77 ? 157 HOH B O     1 
HETATM 467 O  O     . HOH H 4 . ? 8.200   -0.480  8.244   1.00 57.50 ? 159 HOH B O     1 
HETATM 468 O  O     . HOH H 4 . ? 0.498   8.122   0.647   1.00 55.52 ? 160 HOH B O     1 
HETATM 469 O  O     . HOH H 4 . ? -2.918  -5.681  9.163   1.00 47.74 ? 161 HOH B O     1 
# 
loop_
_atom_site_anisotrop.id 
_atom_site_anisotrop.type_symbol 
_atom_site_anisotrop.pdbx_label_atom_id 
_atom_site_anisotrop.pdbx_label_alt_id 
_atom_site_anisotrop.pdbx_label_comp_id 
_atom_site_anisotrop.pdbx_label_asym_id 
_atom_site_anisotrop.pdbx_label_seq_id 
_atom_site_anisotrop.pdbx_PDB_ins_code 
_atom_site_anisotrop.U[1][1] 
_atom_site_anisotrop.U[2][2] 
_atom_site_anisotrop.U[3][3] 
_atom_site_anisotrop.U[1][2] 
_atom_site_anisotrop.U[1][3] 
_atom_site_anisotrop.U[2][3] 
_atom_site_anisotrop.pdbx_auth_seq_id 
_atom_site_anisotrop.pdbx_auth_comp_id 
_atom_site_anisotrop.pdbx_auth_asym_id 
_atom_site_anisotrop.pdbx_auth_atom_id 
175 BR BR . BRU A 9 ? 0.2155 0.2648 0.3396 -0.0054 -0.0106 0.1447 9  BRU A BR 
393 RH RH . RHD C . ? 0.1789 0.1606 0.1855 0.0263  -0.0047 0.0067 11 RHD A RH 
400 RH RH . RHD D . ? 0.3359 0.1413 0.1876 0.0046  -0.0083 0.0063 12 RHD A RH 
# 
loop_
_pdbx_poly_seq_scheme.asym_id 
_pdbx_poly_seq_scheme.entity_id 
_pdbx_poly_seq_scheme.seq_id 
_pdbx_poly_seq_scheme.mon_id 
_pdbx_poly_seq_scheme.ndb_seq_num 
_pdbx_poly_seq_scheme.pdb_seq_num 
_pdbx_poly_seq_scheme.auth_seq_num 
_pdbx_poly_seq_scheme.pdb_mon_id 
_pdbx_poly_seq_scheme.auth_mon_id 
_pdbx_poly_seq_scheme.pdb_strand_id 
_pdbx_poly_seq_scheme.pdb_ins_code 
_pdbx_poly_seq_scheme.hetero 
A 1 1 G   1 1 1 G   G  A . n 
A 1 2 C   2 2 2 C   C  A . n 
A 1 3 U   3 3 3 U   U  A . n 
A 1 4 U   4 4 4 U   U  A . n 
A 1 5 C   5 5 5 C   C  A . n 
A 1 6 G   6 6 6 G   G  A . n 
A 1 7 G   7 7 7 G   G  A . n 
A 1 8 C   8 8 8 C   C  A . n 
A 1 9 BRU 9 9 9 BRU +U A . n 
B 1 1 G   1 1 1 G   G  B . n 
B 1 2 C   2 2 2 C   C  B . n 
B 1 3 U   3 3 3 U   U  B . n 
B 1 4 U   4 4 4 U   U  B . n 
B 1 5 C   5 5 5 C   C  B . n 
B 1 6 G   6 6 6 G   G  B . n 
B 1 7 G   7 7 7 G   G  B . n 
B 1 8 C   8 8 8 C   C  B . n 
B 1 9 BRU 9 9 9 BRU +U B . n 
# 
loop_
_pdbx_nonpoly_scheme.asym_id 
_pdbx_nonpoly_scheme.entity_id 
_pdbx_nonpoly_scheme.mon_id 
_pdbx_nonpoly_scheme.ndb_seq_num 
_pdbx_nonpoly_scheme.pdb_seq_num 
_pdbx_nonpoly_scheme.auth_seq_num 
_pdbx_nonpoly_scheme.pdb_mon_id 
_pdbx_nonpoly_scheme.auth_mon_id 
_pdbx_nonpoly_scheme.pdb_strand_id 
_pdbx_nonpoly_scheme.pdb_ins_code 
C 2 RHD 1  11  11  RHD RHD A . 
D 2 RHD 1  12  12  RHD RHD A . 
E 3 CL  1  32  32  CL  CL  A . 
F 3 CL  1  31  31  CL  CL  B . 
G 4 HOH 1  101 101 HOH HOH A . 
G 4 HOH 2  102 102 HOH HOH A . 
G 4 HOH 3  103 103 HOH HOH A . 
G 4 HOH 4  104 104 HOH HOH A . 
G 4 HOH 5  105 105 HOH HOH A . 
G 4 HOH 6  106 106 HOH HOH A . 
G 4 HOH 7  107 107 HOH HOH A . 
G 4 HOH 8  108 108 HOH HOH A . 
G 4 HOH 9  111 111 HOH HOH A . 
G 4 HOH 10 113 113 HOH HOH A . 
G 4 HOH 11 114 114 HOH HOH A . 
G 4 HOH 12 115 115 HOH HOH A . 
G 4 HOH 13 116 116 HOH HOH A . 
G 4 HOH 14 117 117 HOH HOH A . 
G 4 HOH 15 118 118 HOH HOH A . 
G 4 HOH 16 119 119 HOH HOH A . 
G 4 HOH 17 122 122 HOH HOH A . 
G 4 HOH 18 125 125 HOH HOH A . 
G 4 HOH 19 128 128 HOH HOH A . 
G 4 HOH 20 129 129 HOH HOH A . 
G 4 HOH 21 131 131 HOH HOH A . 
G 4 HOH 22 132 132 HOH HOH A . 
G 4 HOH 23 134 134 HOH HOH A . 
G 4 HOH 24 135 135 HOH HOH A . 
G 4 HOH 25 137 137 HOH HOH A . 
G 4 HOH 26 138 138 HOH HOH A . 
G 4 HOH 27 139 139 HOH HOH A . 
G 4 HOH 28 142 142 HOH HOH A . 
G 4 HOH 29 143 143 HOH HOH A . 
G 4 HOH 30 144 144 HOH HOH A . 
G 4 HOH 31 145 145 HOH HOH A . 
G 4 HOH 32 146 146 HOH HOH A . 
G 4 HOH 33 151 151 HOH HOH A . 
G 4 HOH 34 152 152 HOH HOH A . 
G 4 HOH 35 155 155 HOH HOH A . 
G 4 HOH 36 158 158 HOH HOH A . 
H 4 HOH 1  109 109 HOH HOH B . 
H 4 HOH 2  110 110 HOH HOH B . 
H 4 HOH 3  112 112 HOH HOH B . 
H 4 HOH 4  120 120 HOH HOH B . 
H 4 HOH 5  121 121 HOH HOH B . 
H 4 HOH 6  123 123 HOH HOH B . 
H 4 HOH 7  124 124 HOH HOH B . 
H 4 HOH 8  126 126 HOH HOH B . 
H 4 HOH 9  127 127 HOH HOH B . 
H 4 HOH 10 130 130 HOH HOH B . 
H 4 HOH 11 133 133 HOH HOH B . 
H 4 HOH 12 136 136 HOH HOH B . 
H 4 HOH 13 140 140 HOH HOH B . 
H 4 HOH 14 141 141 HOH HOH B . 
H 4 HOH 15 147 147 HOH HOH B . 
H 4 HOH 16 148 148 HOH HOH B . 
H 4 HOH 17 149 149 HOH HOH B . 
H 4 HOH 18 150 150 HOH HOH B . 
H 4 HOH 19 153 153 HOH HOH B . 
H 4 HOH 20 154 154 HOH HOH B . 
H 4 HOH 21 156 156 HOH HOH B . 
H 4 HOH 22 157 157 HOH HOH B . 
H 4 HOH 23 159 159 HOH HOH B . 
H 4 HOH 24 160 160 HOH HOH B . 
H 4 HOH 25 161 161 HOH HOH B . 
# 
loop_
_pdbx_struct_mod_residue.id 
_pdbx_struct_mod_residue.label_asym_id 
_pdbx_struct_mod_residue.label_comp_id 
_pdbx_struct_mod_residue.label_seq_id 
_pdbx_struct_mod_residue.auth_asym_id 
_pdbx_struct_mod_residue.auth_comp_id 
_pdbx_struct_mod_residue.auth_seq_id 
_pdbx_struct_mod_residue.PDB_ins_code 
_pdbx_struct_mod_residue.parent_comp_id 
_pdbx_struct_mod_residue.details 
1 A BRU 9 A BRU 9 ? DU ? 
2 B BRU 9 B BRU 9 ? DU ? 
# 
_pdbx_struct_assembly.id                   1 
_pdbx_struct_assembly.details              author_defined_assembly 
_pdbx_struct_assembly.method_details       ? 
_pdbx_struct_assembly.oligomeric_details   dimeric 
_pdbx_struct_assembly.oligomeric_count     2 
# 
_pdbx_struct_assembly_gen.assembly_id       1 
_pdbx_struct_assembly_gen.oper_expression   1 
_pdbx_struct_assembly_gen.asym_id_list      A,B,C,D,E,F,G,H 
# 
_pdbx_struct_oper_list.id                   1 
_pdbx_struct_oper_list.type                 'identity operation' 
_pdbx_struct_oper_list.name                 1_555 
_pdbx_struct_oper_list.symmetry_operation   x,y,z 
_pdbx_struct_oper_list.matrix[1][1]         1.0000000000 
_pdbx_struct_oper_list.matrix[1][2]         0.0000000000 
_pdbx_struct_oper_list.matrix[1][3]         0.0000000000 
_pdbx_struct_oper_list.vector[1]            0.0000000000 
_pdbx_struct_oper_list.matrix[2][1]         0.0000000000 
_pdbx_struct_oper_list.matrix[2][2]         1.0000000000 
_pdbx_struct_oper_list.matrix[2][3]         0.0000000000 
_pdbx_struct_oper_list.vector[2]            0.0000000000 
_pdbx_struct_oper_list.matrix[3][1]         0.0000000000 
_pdbx_struct_oper_list.matrix[3][2]         0.0000000000 
_pdbx_struct_oper_list.matrix[3][3]         1.0000000000 
_pdbx_struct_oper_list.vector[3]            0.0000000000 
# 
loop_
_pdbx_audit_revision_history.ordinal 
_pdbx_audit_revision_history.data_content_type 
_pdbx_audit_revision_history.major_revision 
_pdbx_audit_revision_history.minor_revision 
_pdbx_audit_revision_history.revision_date 
1 'Structure model' 1 0 2001-05-07 
2 'Structure model' 1 1 2008-04-27 
3 'Structure model' 1 2 2011-07-13 
4 'Structure model' 1 3 2017-10-04 
5 'Structure model' 1 4 2023-08-16 
# 
_pdbx_audit_revision_details.ordinal             1 
_pdbx_audit_revision_details.revision_ordinal    1 
_pdbx_audit_revision_details.data_content_type   'Structure model' 
_pdbx_audit_revision_details.provider            repository 
_pdbx_audit_revision_details.type                'Initial release' 
_pdbx_audit_revision_details.description         ? 
_pdbx_audit_revision_details.details             ? 
# 
loop_
_pdbx_audit_revision_group.ordinal 
_pdbx_audit_revision_group.revision_ordinal 
_pdbx_audit_revision_group.data_content_type 
_pdbx_audit_revision_group.group 
1 2 'Structure model' 'Version format compliance' 
2 3 'Structure model' 'Version format compliance' 
3 4 'Structure model' 'Refinement description'    
4 5 'Structure model' 'Data collection'           
5 5 'Structure model' 'Database references'       
6 5 'Structure model' 'Derived calculations'      
7 5 'Structure model' 'Refinement description'    
# 
loop_
_pdbx_audit_revision_category.ordinal 
_pdbx_audit_revision_category.revision_ordinal 
_pdbx_audit_revision_category.data_content_type 
_pdbx_audit_revision_category.category 
1 4 'Structure model' software                      
2 5 'Structure model' chem_comp_atom                
3 5 'Structure model' chem_comp_bond                
4 5 'Structure model' database_2                    
5 5 'Structure model' pdbx_initial_refinement_model 
6 5 'Structure model' struct_conn                   
7 5 'Structure model' struct_site                   
# 
loop_
_pdbx_audit_revision_item.ordinal 
_pdbx_audit_revision_item.revision_ordinal 
_pdbx_audit_revision_item.data_content_type 
_pdbx_audit_revision_item.item 
1 4 'Structure model' '_software.name'                      
2 5 'Structure model' '_database_2.pdbx_DOI'                
3 5 'Structure model' '_database_2.pdbx_database_accession' 
4 5 'Structure model' '_struct_conn.pdbx_leaving_atom_flag' 
5 5 'Structure model' '_struct_site.pdbx_auth_asym_id'      
6 5 'Structure model' '_struct_site.pdbx_auth_comp_id'      
7 5 'Structure model' '_struct_site.pdbx_auth_seq_id'       
# 
loop_
_software.name 
_software.classification 
_software.version 
_software.citation_id 
_software.pdbx_ordinal 
MOSFLM    'data reduction' .           ? 1 
ROTAVATA  'data reduction' .           ? 2 
AMoRE     phasing          .           ? 3 
SHELXL-97 refinement       .           ? 4 
CCP4      'data scaling'   '(AGROVATA' ? 5 
ROTAVATA  'data scaling'   .           ? 6 
# 
loop_
_pdbx_validate_rmsd_bond.id 
_pdbx_validate_rmsd_bond.PDB_model_num 
_pdbx_validate_rmsd_bond.auth_atom_id_1 
_pdbx_validate_rmsd_bond.auth_asym_id_1 
_pdbx_validate_rmsd_bond.auth_comp_id_1 
_pdbx_validate_rmsd_bond.auth_seq_id_1 
_pdbx_validate_rmsd_bond.PDB_ins_code_1 
_pdbx_validate_rmsd_bond.label_alt_id_1 
_pdbx_validate_rmsd_bond.auth_atom_id_2 
_pdbx_validate_rmsd_bond.auth_asym_id_2 
_pdbx_validate_rmsd_bond.auth_comp_id_2 
_pdbx_validate_rmsd_bond.auth_seq_id_2 
_pdbx_validate_rmsd_bond.PDB_ins_code_2 
_pdbx_validate_rmsd_bond.label_alt_id_2 
_pdbx_validate_rmsd_bond.bond_value 
_pdbx_validate_rmsd_bond.bond_target_value 
_pdbx_validate_rmsd_bond.bond_deviation 
_pdbx_validate_rmsd_bond.bond_standard_deviation 
_pdbx_validate_rmsd_bond.linker_flag 
1 1 "C4'" B C 8 ? ? "C3'" B C 8 ? ? 1.447 1.521 -0.074 0.010 N 
2 1 "C2'" B C 8 ? ? "O2'" B C 8 ? ? 1.328 1.412 -0.084 0.013 N 
# 
loop_
_pdbx_validate_rmsd_angle.id 
_pdbx_validate_rmsd_angle.PDB_model_num 
_pdbx_validate_rmsd_angle.auth_atom_id_1 
_pdbx_validate_rmsd_angle.auth_asym_id_1 
_pdbx_validate_rmsd_angle.auth_comp_id_1 
_pdbx_validate_rmsd_angle.auth_seq_id_1 
_pdbx_validate_rmsd_angle.PDB_ins_code_1 
_pdbx_validate_rmsd_angle.label_alt_id_1 
_pdbx_validate_rmsd_angle.auth_atom_id_2 
_pdbx_validate_rmsd_angle.auth_asym_id_2 
_pdbx_validate_rmsd_angle.auth_comp_id_2 
_pdbx_validate_rmsd_angle.auth_seq_id_2 
_pdbx_validate_rmsd_angle.PDB_ins_code_2 
_pdbx_validate_rmsd_angle.label_alt_id_2 
_pdbx_validate_rmsd_angle.auth_atom_id_3 
_pdbx_validate_rmsd_angle.auth_asym_id_3 
_pdbx_validate_rmsd_angle.auth_comp_id_3 
_pdbx_validate_rmsd_angle.auth_seq_id_3 
_pdbx_validate_rmsd_angle.PDB_ins_code_3 
_pdbx_validate_rmsd_angle.label_alt_id_3 
_pdbx_validate_rmsd_angle.angle_value 
_pdbx_validate_rmsd_angle.angle_target_value 
_pdbx_validate_rmsd_angle.angle_deviation 
_pdbx_validate_rmsd_angle.angle_standard_deviation 
_pdbx_validate_rmsd_angle.linker_flag 
1  1 N3    A C 2 ? ? C4    A C   2 ? ? C5    A C   2 ? ? 118.42 121.90 -3.48  0.40 N 
2  1 C2    A U 3 ? ? N3    A U   3 ? ? C4    A U   3 ? ? 122.24 127.00 -4.76  0.60 N 
3  1 N3    A U 3 ? ? C4    A U   3 ? ? C5    A U   3 ? ? 118.93 114.60 4.33   0.60 N 
4  1 C6    A U 4 ? ? N1    A U   4 ? ? C2    A U   4 ? ? 117.15 121.00 -3.85  0.60 N 
5  1 N1    A U 4 ? ? C2    A U   4 ? ? N3    A U   4 ? ? 119.96 114.90 5.06   0.60 N 
6  1 N1    A U 4 ? ? C2    A U   4 ? ? O2    A U   4 ? ? 117.72 122.80 -5.08  0.70 N 
7  1 C5    A U 4 ? ? C4    A U   4 ? ? O4    A U   4 ? ? 120.45 125.90 -5.45  0.60 N 
8  1 C5    A G 6 ? ? C6    A G   6 ? ? N1    A G   6 ? ? 115.76 111.50 4.26   0.50 N 
9  1 C5    A G 6 ? ? C6    A G   6 ? ? O6    A G   6 ? ? 124.32 128.60 -4.28  0.60 N 
10 1 C5    A G 7 ? ? N7    A G   7 ? ? C8    A G   7 ? ? 101.09 104.30 -3.21  0.50 N 
11 1 C2    A C 8 ? ? N3    A C   8 ? ? C4    A C   8 ? ? 123.72 119.90 3.82   0.50 N 
12 1 N3    A C 8 ? ? C4    A C   8 ? ? C5    A C   8 ? ? 119.19 121.90 -2.71  0.40 N 
13 1 "C3'" A C 8 ? ? "O3'" A C   8 ? ? P     A BRU 9 ? ? 128.96 119.70 9.26   1.20 Y 
14 1 C6    B G 1 ? ? N1    B G   1 ? ? C2    B G   1 ? ? 121.39 125.10 -3.71  0.60 N 
15 1 N1    B U 3 ? ? C2    B U   3 ? ? N3    B U   3 ? ? 118.90 114.90 4.00   0.60 N 
16 1 N1    B U 3 ? ? C2    B U   3 ? ? O2    B U   3 ? ? 116.70 122.80 -6.10  0.70 N 
17 1 "O4'" B U 4 ? ? "C1'" B U   4 ? ? N1    B U   4 ? ? 113.14 108.50 4.64   0.70 N 
18 1 C5    B U 4 ? ? C4    B U   4 ? ? O4    B U   4 ? ? 121.21 125.90 -4.69  0.60 N 
19 1 C2    B C 5 ? ? N3    B C   5 ? ? C4    B C   5 ? ? 122.93 119.90 3.03   0.50 N 
20 1 N3    B C 5 ? ? C4    B C   5 ? ? C5    B C   5 ? ? 117.63 121.90 -4.27  0.40 N 
21 1 "O5'" B G 6 ? ? "C5'" B G   6 ? ? "C4'" B G   6 ? ? 104.52 109.40 -4.88  0.80 N 
22 1 "C4'" B C 8 ? ? "C3'" B C   8 ? ? "C2'" B C   8 ? ? 108.76 102.60 6.16   1.00 N 
23 1 N1    B C 8 ? ? "C1'" B C   8 ? ? "C2'" B C   8 ? ? 103.32 112.00 -8.68  1.10 N 
24 1 "O4'" B C 8 ? ? "C1'" B C   8 ? ? N1    B C   8 ? ? 101.78 108.20 -6.42  0.80 N 
25 1 "C3'" B C 8 ? ? "O3'" B C   8 ? ? P     B BRU 9 ? A 107.31 119.70 -12.39 1.20 Y 
26 1 "C3'" B C 8 ? ? "O3'" B C   8 ? ? P     B BRU 9 ? B 111.11 119.70 -8.59  1.20 Y 
27 1 "O3'" B C 8 ? ? P     B BRU 9 ? A "O5'" B BRU 9 ? A 116.24 104.00 12.24  1.90 Y 
28 1 "O3'" B C 8 ? ? P     B BRU 9 ? B "O5'" B BRU 9 ? B 117.73 104.00 13.73  1.90 Y 
29 1 "O3'" B C 8 ? ? P     B BRU 9 ? A OP1   B BRU 9 ? A 117.12 110.50 6.62   1.10 Y 
# 
loop_
_chem_comp_atom.comp_id 
_chem_comp_atom.atom_id 
_chem_comp_atom.type_symbol 
_chem_comp_atom.pdbx_aromatic_flag 
_chem_comp_atom.pdbx_stereo_config 
_chem_comp_atom.pdbx_ordinal 
BRU N1     N  N N 1   
BRU C2     C  N N 2   
BRU N3     N  N N 3   
BRU C4     C  N N 4   
BRU C5     C  N N 5   
BRU C6     C  N N 6   
BRU O2     O  N N 7   
BRU O4     O  N N 8   
BRU BR     BR N N 9   
BRU "C1'"  C  N R 10  
BRU "C2'"  C  N N 11  
BRU "C3'"  C  N S 12  
BRU "C4'"  C  N R 13  
BRU "O3'"  O  N N 14  
BRU "O4'"  O  N N 15  
BRU "C5'"  C  N N 16  
BRU "O5'"  O  N N 17  
BRU P      P  N N 18  
BRU OP1    O  N N 19  
BRU OP2    O  N N 20  
BRU OP3    O  N N 21  
BRU HN3    H  N N 22  
BRU H6     H  N N 23  
BRU "H1'"  H  N N 24  
BRU "H2'"  H  N N 25  
BRU "H2''" H  N N 26  
BRU "H3'"  H  N N 27  
BRU "H4'"  H  N N 28  
BRU "HO3'" H  N N 29  
BRU "H5'"  H  N N 30  
BRU "H5''" H  N N 31  
BRU HOP2   H  N N 32  
BRU HOP3   H  N N 33  
C   OP3    O  N N 34  
C   P      P  N N 35  
C   OP1    O  N N 36  
C   OP2    O  N N 37  
C   "O5'"  O  N N 38  
C   "C5'"  C  N N 39  
C   "C4'"  C  N R 40  
C   "O4'"  O  N N 41  
C   "C3'"  C  N S 42  
C   "O3'"  O  N N 43  
C   "C2'"  C  N R 44  
C   "O2'"  O  N N 45  
C   "C1'"  C  N R 46  
C   N1     N  N N 47  
C   C2     C  N N 48  
C   O2     O  N N 49  
C   N3     N  N N 50  
C   C4     C  N N 51  
C   N4     N  N N 52  
C   C5     C  N N 53  
C   C6     C  N N 54  
C   HOP3   H  N N 55  
C   HOP2   H  N N 56  
C   "H5'"  H  N N 57  
C   "H5''" H  N N 58  
C   "H4'"  H  N N 59  
C   "H3'"  H  N N 60  
C   "HO3'" H  N N 61  
C   "H2'"  H  N N 62  
C   "HO2'" H  N N 63  
C   "H1'"  H  N N 64  
C   H41    H  N N 65  
C   H42    H  N N 66  
C   H5     H  N N 67  
C   H6     H  N N 68  
CL  CL     CL N N 69  
G   OP3    O  N N 70  
G   P      P  N N 71  
G   OP1    O  N N 72  
G   OP2    O  N N 73  
G   "O5'"  O  N N 74  
G   "C5'"  C  N N 75  
G   "C4'"  C  N R 76  
G   "O4'"  O  N N 77  
G   "C3'"  C  N S 78  
G   "O3'"  O  N N 79  
G   "C2'"  C  N R 80  
G   "O2'"  O  N N 81  
G   "C1'"  C  N R 82  
G   N9     N  Y N 83  
G   C8     C  Y N 84  
G   N7     N  Y N 85  
G   C5     C  Y N 86  
G   C6     C  N N 87  
G   O6     O  N N 88  
G   N1     N  N N 89  
G   C2     C  N N 90  
G   N2     N  N N 91  
G   N3     N  N N 92  
G   C4     C  Y N 93  
G   HOP3   H  N N 94  
G   HOP2   H  N N 95  
G   "H5'"  H  N N 96  
G   "H5''" H  N N 97  
G   "H4'"  H  N N 98  
G   "H3'"  H  N N 99  
G   "HO3'" H  N N 100 
G   "H2'"  H  N N 101 
G   "HO2'" H  N N 102 
G   "H1'"  H  N N 103 
G   H8     H  N N 104 
G   H1     H  N N 105 
G   H21    H  N N 106 
G   H22    H  N N 107 
HOH O      O  N N 108 
HOH H1     H  N N 109 
HOH H2     H  N N 110 
RHD RH     RH N N 111 
RHD N1     N  N N 112 
RHD N2     N  N N 113 
RHD N3     N  N N 114 
RHD N4     N  N N 115 
RHD N5     N  N N 116 
RHD N6     N  N N 117 
RHD HN11   H  N N 118 
RHD HN12   H  N N 119 
RHD HN13   H  N N 120 
RHD HN21   H  N N 121 
RHD HN22   H  N N 122 
RHD HN23   H  N N 123 
RHD HN31   H  N N 124 
RHD HN32   H  N N 125 
RHD HN33   H  N N 126 
RHD HN41   H  N N 127 
RHD HN42   H  N N 128 
RHD HN43   H  N N 129 
RHD HN51   H  N N 130 
RHD HN52   H  N N 131 
RHD HN53   H  N N 132 
RHD HN61   H  N N 133 
RHD HN62   H  N N 134 
RHD HN63   H  N N 135 
U   OP3    O  N N 136 
U   P      P  N N 137 
U   OP1    O  N N 138 
U   OP2    O  N N 139 
U   "O5'"  O  N N 140 
U   "C5'"  C  N N 141 
U   "C4'"  C  N R 142 
U   "O4'"  O  N N 143 
U   "C3'"  C  N S 144 
U   "O3'"  O  N N 145 
U   "C2'"  C  N R 146 
U   "O2'"  O  N N 147 
U   "C1'"  C  N R 148 
U   N1     N  N N 149 
U   C2     C  N N 150 
U   O2     O  N N 151 
U   N3     N  N N 152 
U   C4     C  N N 153 
U   O4     O  N N 154 
U   C5     C  N N 155 
U   C6     C  N N 156 
U   HOP3   H  N N 157 
U   HOP2   H  N N 158 
U   "H5'"  H  N N 159 
U   "H5''" H  N N 160 
U   "H4'"  H  N N 161 
U   "H3'"  H  N N 162 
U   "HO3'" H  N N 163 
U   "H2'"  H  N N 164 
U   "HO2'" H  N N 165 
U   "H1'"  H  N N 166 
U   H3     H  N N 167 
U   H5     H  N N 168 
U   H6     H  N N 169 
# 
loop_
_chem_comp_bond.comp_id 
_chem_comp_bond.atom_id_1 
_chem_comp_bond.atom_id_2 
_chem_comp_bond.value_order 
_chem_comp_bond.pdbx_aromatic_flag 
_chem_comp_bond.pdbx_stereo_config 
_chem_comp_bond.pdbx_ordinal 
BRU N1    C2     sing N N 1   
BRU N1    C6     sing N N 2   
BRU N1    "C1'"  sing N N 3   
BRU C2    N3     sing N N 4   
BRU C2    O2     doub N N 5   
BRU N3    C4     sing N N 6   
BRU N3    HN3    sing N N 7   
BRU C4    C5     sing N N 8   
BRU C4    O4     doub N N 9   
BRU C5    C6     doub N N 10  
BRU C5    BR     sing N N 11  
BRU C6    H6     sing N N 12  
BRU "C1'" "C2'"  sing N N 13  
BRU "C1'" "O4'"  sing N N 14  
BRU "C1'" "H1'"  sing N N 15  
BRU "C2'" "C3'"  sing N N 16  
BRU "C2'" "H2'"  sing N N 17  
BRU "C2'" "H2''" sing N N 18  
BRU "C3'" "C4'"  sing N N 19  
BRU "C3'" "O3'"  sing N N 20  
BRU "C3'" "H3'"  sing N N 21  
BRU "C4'" "O4'"  sing N N 22  
BRU "C4'" "C5'"  sing N N 23  
BRU "C4'" "H4'"  sing N N 24  
BRU "O3'" "HO3'" sing N N 25  
BRU "C5'" "O5'"  sing N N 26  
BRU "C5'" "H5'"  sing N N 27  
BRU "C5'" "H5''" sing N N 28  
BRU "O5'" P      sing N N 29  
BRU P     OP1    doub N N 30  
BRU P     OP2    sing N N 31  
BRU P     OP3    sing N N 32  
BRU OP2   HOP2   sing N N 33  
BRU OP3   HOP3   sing N N 34  
C   OP3   P      sing N N 35  
C   OP3   HOP3   sing N N 36  
C   P     OP1    doub N N 37  
C   P     OP2    sing N N 38  
C   P     "O5'"  sing N N 39  
C   OP2   HOP2   sing N N 40  
C   "O5'" "C5'"  sing N N 41  
C   "C5'" "C4'"  sing N N 42  
C   "C5'" "H5'"  sing N N 43  
C   "C5'" "H5''" sing N N 44  
C   "C4'" "O4'"  sing N N 45  
C   "C4'" "C3'"  sing N N 46  
C   "C4'" "H4'"  sing N N 47  
C   "O4'" "C1'"  sing N N 48  
C   "C3'" "O3'"  sing N N 49  
C   "C3'" "C2'"  sing N N 50  
C   "C3'" "H3'"  sing N N 51  
C   "O3'" "HO3'" sing N N 52  
C   "C2'" "O2'"  sing N N 53  
C   "C2'" "C1'"  sing N N 54  
C   "C2'" "H2'"  sing N N 55  
C   "O2'" "HO2'" sing N N 56  
C   "C1'" N1     sing N N 57  
C   "C1'" "H1'"  sing N N 58  
C   N1    C2     sing N N 59  
C   N1    C6     sing N N 60  
C   C2    O2     doub N N 61  
C   C2    N3     sing N N 62  
C   N3    C4     doub N N 63  
C   C4    N4     sing N N 64  
C   C4    C5     sing N N 65  
C   N4    H41    sing N N 66  
C   N4    H42    sing N N 67  
C   C5    C6     doub N N 68  
C   C5    H5     sing N N 69  
C   C6    H6     sing N N 70  
G   OP3   P      sing N N 71  
G   OP3   HOP3   sing N N 72  
G   P     OP1    doub N N 73  
G   P     OP2    sing N N 74  
G   P     "O5'"  sing N N 75  
G   OP2   HOP2   sing N N 76  
G   "O5'" "C5'"  sing N N 77  
G   "C5'" "C4'"  sing N N 78  
G   "C5'" "H5'"  sing N N 79  
G   "C5'" "H5''" sing N N 80  
G   "C4'" "O4'"  sing N N 81  
G   "C4'" "C3'"  sing N N 82  
G   "C4'" "H4'"  sing N N 83  
G   "O4'" "C1'"  sing N N 84  
G   "C3'" "O3'"  sing N N 85  
G   "C3'" "C2'"  sing N N 86  
G   "C3'" "H3'"  sing N N 87  
G   "O3'" "HO3'" sing N N 88  
G   "C2'" "O2'"  sing N N 89  
G   "C2'" "C1'"  sing N N 90  
G   "C2'" "H2'"  sing N N 91  
G   "O2'" "HO2'" sing N N 92  
G   "C1'" N9     sing N N 93  
G   "C1'" "H1'"  sing N N 94  
G   N9    C8     sing Y N 95  
G   N9    C4     sing Y N 96  
G   C8    N7     doub Y N 97  
G   C8    H8     sing N N 98  
G   N7    C5     sing Y N 99  
G   C5    C6     sing N N 100 
G   C5    C4     doub Y N 101 
G   C6    O6     doub N N 102 
G   C6    N1     sing N N 103 
G   N1    C2     sing N N 104 
G   N1    H1     sing N N 105 
G   C2    N2     sing N N 106 
G   C2    N3     doub N N 107 
G   N2    H21    sing N N 108 
G   N2    H22    sing N N 109 
G   N3    C4     sing N N 110 
HOH O     H1     sing N N 111 
HOH O     H2     sing N N 112 
RHD RH    N1     sing N N 113 
RHD RH    N2     sing N N 114 
RHD RH    N3     sing N N 115 
RHD RH    N4     sing N N 116 
RHD RH    N5     sing N N 117 
RHD RH    N6     sing N N 118 
RHD N1    HN11   sing N N 119 
RHD N1    HN12   sing N N 120 
RHD N1    HN13   sing N N 121 
RHD N2    HN21   sing N N 122 
RHD N2    HN22   sing N N 123 
RHD N2    HN23   sing N N 124 
RHD N3    HN31   sing N N 125 
RHD N3    HN32   sing N N 126 
RHD N3    HN33   sing N N 127 
RHD N4    HN41   sing N N 128 
RHD N4    HN42   sing N N 129 
RHD N4    HN43   sing N N 130 
RHD N5    HN51   sing N N 131 
RHD N5    HN52   sing N N 132 
RHD N5    HN53   sing N N 133 
RHD N6    HN61   sing N N 134 
RHD N6    HN62   sing N N 135 
RHD N6    HN63   sing N N 136 
U   OP3   P      sing N N 137 
U   OP3   HOP3   sing N N 138 
U   P     OP1    doub N N 139 
U   P     OP2    sing N N 140 
U   P     "O5'"  sing N N 141 
U   OP2   HOP2   sing N N 142 
U   "O5'" "C5'"  sing N N 143 
U   "C5'" "C4'"  sing N N 144 
U   "C5'" "H5'"  sing N N 145 
U   "C5'" "H5''" sing N N 146 
U   "C4'" "O4'"  sing N N 147 
U   "C4'" "C3'"  sing N N 148 
U   "C4'" "H4'"  sing N N 149 
U   "O4'" "C1'"  sing N N 150 
U   "C3'" "O3'"  sing N N 151 
U   "C3'" "C2'"  sing N N 152 
U   "C3'" "H3'"  sing N N 153 
U   "O3'" "HO3'" sing N N 154 
U   "C2'" "O2'"  sing N N 155 
U   "C2'" "C1'"  sing N N 156 
U   "C2'" "H2'"  sing N N 157 
U   "O2'" "HO2'" sing N N 158 
U   "C1'" N1     sing N N 159 
U   "C1'" "H1'"  sing N N 160 
U   N1    C2     sing N N 161 
U   N1    C6     sing N N 162 
U   C2    O2     doub N N 163 
U   C2    N3     sing N N 164 
U   N3    C4     sing N N 165 
U   N3    H3     sing N N 166 
U   C4    O4     doub N N 167 
U   C4    C5     sing N N 168 
U   C5    C6     doub N N 169 
U   C5    H5     sing N N 170 
U   C6    H6     sing N N 171 
# 
loop_
_ndb_struct_conf_na.entry_id 
_ndb_struct_conf_na.feature 
1IHA 'double helix'         
1IHA 'a-form double helix'  
1IHA 'mismatched base pair' 
# 
loop_
_ndb_struct_na_base_pair.model_number 
_ndb_struct_na_base_pair.i_label_asym_id 
_ndb_struct_na_base_pair.i_label_comp_id 
_ndb_struct_na_base_pair.i_label_seq_id 
_ndb_struct_na_base_pair.i_symmetry 
_ndb_struct_na_base_pair.j_label_asym_id 
_ndb_struct_na_base_pair.j_label_comp_id 
_ndb_struct_na_base_pair.j_label_seq_id 
_ndb_struct_na_base_pair.j_symmetry 
_ndb_struct_na_base_pair.shear 
_ndb_struct_na_base_pair.stretch 
_ndb_struct_na_base_pair.stagger 
_ndb_struct_na_base_pair.buckle 
_ndb_struct_na_base_pair.propeller 
_ndb_struct_na_base_pair.opening 
_ndb_struct_na_base_pair.pair_number 
_ndb_struct_na_base_pair.pair_name 
_ndb_struct_na_base_pair.i_auth_asym_id 
_ndb_struct_na_base_pair.i_auth_seq_id 
_ndb_struct_na_base_pair.i_PDB_ins_code 
_ndb_struct_na_base_pair.j_auth_asym_id 
_ndb_struct_na_base_pair.j_auth_seq_id 
_ndb_struct_na_base_pair.j_PDB_ins_code 
_ndb_struct_na_base_pair.hbond_type_28 
_ndb_struct_na_base_pair.hbond_type_12 
1 A G 1 1_555 B C 8 1_555 -0.380 -0.193 0.210  3.275  -13.129 0.005   1 A_G1:C8_B A 1 ? B 8 ? 19 1 
1 A C 2 1_555 B G 7 1_555 0.042  -0.203 0.105  1.600  -11.076 -1.406  2 A_C2:G7_B A 2 ? B 7 ? 19 1 
1 A U 3 1_555 B G 6 1_555 2.265  -0.544 -0.065 5.165  -8.150  -2.790  3 A_U3:G6_B A 3 ? B 6 ? 28 ? 
1 A U 4 1_555 B C 5 1_555 -0.621 0.186  0.037  1.796  2.564   -41.940 4 A_U4:C5_B A 4 ? B 5 ? ?  ? 
1 A C 5 1_555 B U 4 1_555 0.672  0.148  -0.338 8.015  -5.468  -41.341 5 A_C5:U4_B A 5 ? B 4 ? ?  ? 
1 A G 6 1_555 B U 3 1_555 -2.305 -0.610 -0.201 1.264  -9.432  -1.960  6 A_G6:U3_B A 6 ? B 3 ? 28 ? 
1 A G 7 1_555 B C 2 1_555 -0.163 -0.157 -0.066 -5.217 -13.130 -0.148  7 A_G7:C2_B A 7 ? B 2 ? 19 1 
1 A C 8 1_555 B G 1 1_555 0.239  -0.174 0.209  -3.848 -4.159  -0.711  8 A_C8:G1_B A 8 ? B 1 ? 19 1 
# 
loop_
_ndb_struct_na_base_pair_step.model_number 
_ndb_struct_na_base_pair_step.i_label_asym_id_1 
_ndb_struct_na_base_pair_step.i_label_comp_id_1 
_ndb_struct_na_base_pair_step.i_label_seq_id_1 
_ndb_struct_na_base_pair_step.i_symmetry_1 
_ndb_struct_na_base_pair_step.j_label_asym_id_1 
_ndb_struct_na_base_pair_step.j_label_comp_id_1 
_ndb_struct_na_base_pair_step.j_label_seq_id_1 
_ndb_struct_na_base_pair_step.j_symmetry_1 
_ndb_struct_na_base_pair_step.i_label_asym_id_2 
_ndb_struct_na_base_pair_step.i_label_comp_id_2 
_ndb_struct_na_base_pair_step.i_label_seq_id_2 
_ndb_struct_na_base_pair_step.i_symmetry_2 
_ndb_struct_na_base_pair_step.j_label_asym_id_2 
_ndb_struct_na_base_pair_step.j_label_comp_id_2 
_ndb_struct_na_base_pair_step.j_label_seq_id_2 
_ndb_struct_na_base_pair_step.j_symmetry_2 
_ndb_struct_na_base_pair_step.shift 
_ndb_struct_na_base_pair_step.slide 
_ndb_struct_na_base_pair_step.rise 
_ndb_struct_na_base_pair_step.tilt 
_ndb_struct_na_base_pair_step.roll 
_ndb_struct_na_base_pair_step.twist 
_ndb_struct_na_base_pair_step.x_displacement 
_ndb_struct_na_base_pair_step.y_displacement 
_ndb_struct_na_base_pair_step.helical_rise 
_ndb_struct_na_base_pair_step.inclination 
_ndb_struct_na_base_pair_step.tip 
_ndb_struct_na_base_pair_step.helical_twist 
_ndb_struct_na_base_pair_step.step_number 
_ndb_struct_na_base_pair_step.step_name 
_ndb_struct_na_base_pair_step.i_auth_asym_id_1 
_ndb_struct_na_base_pair_step.i_auth_seq_id_1 
_ndb_struct_na_base_pair_step.i_PDB_ins_code_1 
_ndb_struct_na_base_pair_step.j_auth_asym_id_1 
_ndb_struct_na_base_pair_step.j_auth_seq_id_1 
_ndb_struct_na_base_pair_step.j_PDB_ins_code_1 
_ndb_struct_na_base_pair_step.i_auth_asym_id_2 
_ndb_struct_na_base_pair_step.i_auth_seq_id_2 
_ndb_struct_na_base_pair_step.i_PDB_ins_code_2 
_ndb_struct_na_base_pair_step.j_auth_asym_id_2 
_ndb_struct_na_base_pair_step.j_auth_seq_id_2 
_ndb_struct_na_base_pair_step.j_PDB_ins_code_2 
1 A G 1 1_555 B C 8 1_555 A C 2 1_555 B G 7 1_555 -0.184 -1.957 3.452 -1.492 3.740  33.880 -3.945 0.071  3.229 6.389  2.550  
34.112 1 AA_G1C2:G7C8_BB A 1 ? B 8 ? A 2 ? B 7 ? 
1 A C 2 1_555 B G 7 1_555 A U 3 1_555 B G 6 1_555 0.098  -1.330 3.227 2.794  4.988  39.959 -2.470 0.161  3.046 7.254  -4.063 
40.350 2 AA_C2U3:G6G7_BB A 2 ? B 7 ? A 3 ? B 6 ? 
1 A U 3 1_555 B G 6 1_555 A U 4 1_555 B C 5 1_555 -3.924 -1.965 3.464 -4.022 6.738  20.269 -8.086 8.700  3.351 18.284 10.914 
21.720 3 AA_U3U4:C5G6_BB A 3 ? B 6 ? A 4 ? B 5 ? 
1 A U 4 1_555 B C 5 1_555 A C 5 1_555 B U 4 1_555 -0.079 -1.885 3.425 0.908  6.283  38.646 -3.568 0.227  3.091 9.415  -1.361 
39.145 4 AA_U4C5:U4C5_BB A 4 ? B 5 ? A 5 ? B 4 ? 
1 A C 5 1_555 B U 4 1_555 A G 6 1_555 B U 3 1_555 3.225  -1.667 3.472 -0.319 12.403 25.028 -6.245 -6.763 2.356 26.633 0.685  
27.891 5 AA_C5G6:U3U4_BB A 5 ? B 4 ? A 6 ? B 3 ? 
1 A G 6 1_555 B U 3 1_555 A G 7 1_555 B C 2 1_555 0.176  -1.658 3.508 -2.344 6.106  39.624 -3.135 -0.532 3.213 8.933  3.430  
40.138 6 AA_G6G7:C2U3_BB A 6 ? B 3 ? A 7 ? B 2 ? 
1 A G 7 1_555 B C 2 1_555 A C 8 1_555 B G 1 1_555 0.102  -1.887 3.349 -1.088 1.376  34.259 -3.418 -0.345 3.268 2.335  1.846  
34.302 7 AA_G7C8:G1C2_BB A 7 ? B 2 ? A 8 ? B 1 ? 
# 
loop_
_pdbx_entity_nonpoly.entity_id 
_pdbx_entity_nonpoly.name 
_pdbx_entity_nonpoly.comp_id 
2 'RHODIUM HEXAMINE ION' RHD 
3 'CHLORIDE ION'         CL  
4 water                  HOH 
# 
_pdbx_initial_refinement_model.id               1 
_pdbx_initial_refinement_model.entity_id_list   ? 
_pdbx_initial_refinement_model.type             'experimental model' 
_pdbx_initial_refinement_model.source_name      PDB 
_pdbx_initial_refinement_model.accession_code   165D 
_pdbx_initial_refinement_model.details          '165D from pdb' 
# 
